data_6U6S
#
_entry.id   6U6S
#
_entity_poly.entity_id   1
_entity_poly.type   'polypeptide(L)'
_entity_poly.pdbx_seq_one_letter_code
;KQKTATVARDRLQIIIAQERAQEGQTPDYLPTLRKELMEVLSKYVNVSLDNIRISQEKQDGMDVLELNITLPEQKKVLEH
HHHHH
;
_entity_poly.pdbx_strand_id   A,B
#
# COMPACT_ATOMS: atom_id res chain seq x y z
N ASP A 28 2.71 -13.79 11.21
CA ASP A 28 4.15 -14.04 11.10
C ASP A 28 4.70 -13.54 9.76
N TYR A 29 4.05 -13.93 8.68
CA TYR A 29 4.56 -13.66 7.34
C TYR A 29 4.06 -12.32 6.82
N LEU A 30 2.76 -12.24 6.56
CA LEU A 30 2.18 -11.06 5.93
C LEU A 30 2.22 -9.86 6.88
N PRO A 31 1.90 -10.11 8.15
CA PRO A 31 1.95 -9.07 9.16
C PRO A 31 3.29 -8.34 9.14
N THR A 32 4.37 -9.10 8.95
CA THR A 32 5.70 -8.53 8.84
C THR A 32 5.84 -7.71 7.55
N LEU A 33 5.37 -8.29 6.45
CA LEU A 33 5.42 -7.62 5.15
C LEU A 33 4.59 -6.34 5.17
N ARG A 34 3.53 -6.34 5.97
CA ARG A 34 2.69 -5.15 6.11
C ARG A 34 3.45 -4.02 6.78
N LYS A 35 4.18 -4.34 7.85
CA LYS A 35 5.08 -3.38 8.47
C LYS A 35 6.14 -2.89 7.47
N GLU A 36 6.68 -3.81 6.69
CA GLU A 36 7.67 -3.47 5.67
C GLU A 36 7.09 -2.47 4.67
N LEU A 37 5.84 -2.68 4.29
CA LEU A 37 5.16 -1.77 3.37
C LEU A 37 5.03 -0.37 3.97
N MET A 38 4.71 -0.32 5.26
CA MET A 38 4.59 0.96 5.96
C MET A 38 5.92 1.72 5.94
N GLU A 39 7.01 1.02 6.25
CA GLU A 39 8.33 1.63 6.27
C GLU A 39 8.69 2.20 4.90
N VAL A 40 8.45 1.41 3.86
CA VAL A 40 8.75 1.84 2.49
C VAL A 40 7.97 3.09 2.12
N LEU A 41 6.72 3.14 2.55
CA LEU A 41 5.84 4.27 2.25
C LEU A 41 6.27 5.52 3.01
N SER A 42 6.66 5.34 4.27
CA SER A 42 7.11 6.44 5.11
C SER A 42 8.35 7.10 4.53
N LYS A 43 9.13 6.34 3.78
CA LYS A 43 10.35 6.85 3.16
C LYS A 43 10.04 7.58 1.86
N TYR A 44 8.97 7.15 1.18
CA TYR A 44 8.59 7.75 -0.08
C TYR A 44 8.10 9.19 0.10
N VAL A 45 7.26 9.39 1.12
CA VAL A 45 6.74 10.72 1.41
C VAL A 45 7.31 11.26 2.71
N ASN A 46 8.31 10.57 3.24
CA ASN A 46 9.11 11.09 4.34
C ASN A 46 8.23 11.47 5.53
N VAL A 47 7.23 10.64 5.80
CA VAL A 47 6.43 10.78 7.01
C VAL A 47 6.82 9.74 8.05
N SER A 48 6.04 9.65 9.13
CA SER A 48 6.25 8.64 10.15
C SER A 48 5.24 7.51 10.04
N LEU A 49 5.46 6.43 10.78
CA LEU A 49 4.59 5.27 10.74
C LEU A 49 3.23 5.59 11.34
N ASP A 50 3.16 6.66 12.12
CA ASP A 50 1.93 7.04 12.78
C ASP A 50 0.92 7.62 11.80
N ASN A 51 1.41 8.01 10.63
CA ASN A 51 0.56 8.58 9.59
C ASN A 51 0.15 7.54 8.56
N ILE A 52 0.51 6.28 8.84
CA ILE A 52 0.24 5.20 7.90
C ILE A 52 -0.66 4.14 8.53
N ARG A 53 -1.63 3.66 7.76
CA ARG A 53 -2.50 2.58 8.22
C ARG A 53 -2.54 1.44 7.21
N ILE A 54 -2.57 0.21 7.71
CA ILE A 54 -2.62 -0.97 6.86
C ILE A 54 -3.43 -2.09 7.52
N SER A 55 -4.31 -2.70 6.74
CA SER A 55 -5.26 -3.67 7.29
C SER A 55 -5.17 -5.00 6.56
N GLN A 56 -5.38 -6.09 7.30
CA GLN A 56 -5.41 -7.42 6.70
C GLN A 56 -6.73 -8.12 6.99
N GLU A 57 -7.53 -8.34 5.95
CA GLU A 57 -8.90 -8.78 6.11
C GLU A 57 -9.24 -9.93 5.17
N LYS A 58 -10.08 -10.84 5.63
CA LYS A 58 -10.53 -11.96 4.81
C LYS A 58 -11.95 -11.74 4.30
N GLN A 59 -12.09 -11.56 3.00
CA GLN A 59 -13.39 -11.30 2.39
C GLN A 59 -13.58 -12.10 1.10
N ASP A 60 -14.72 -12.75 0.97
CA ASP A 60 -15.01 -13.57 -0.19
C ASP A 60 -14.00 -14.72 -0.31
N GLY A 61 -13.46 -15.13 0.83
CA GLY A 61 -12.60 -16.31 0.88
C GLY A 61 -11.14 -15.95 0.64
N MET A 62 -10.91 -14.69 0.27
CA MET A 62 -9.56 -14.22 -0.08
C MET A 62 -9.02 -13.27 0.98
N ASP A 63 -7.69 -13.24 1.10
CA ASP A 63 -7.04 -12.35 2.05
C ASP A 63 -6.51 -11.09 1.37
N VAL A 64 -7.13 -9.96 1.68
CA VAL A 64 -6.85 -8.71 0.98
C VAL A 64 -6.15 -7.72 1.88
N LEU A 65 -4.97 -7.25 1.45
CA LEU A 65 -4.25 -6.21 2.17
C LEU A 65 -4.63 -4.83 1.65
N GLU A 66 -4.80 -3.89 2.58
CA GLU A 66 -5.14 -2.52 2.23
C GLU A 66 -4.22 -1.53 2.93
N LEU A 67 -3.50 -0.73 2.14
CA LEU A 67 -2.57 0.25 2.69
C LEU A 67 -2.99 1.67 2.34
N ASN A 68 -3.21 2.48 3.38
CA ASN A 68 -3.75 3.82 3.20
C ASN A 68 -2.80 4.88 3.76
N ILE A 69 -2.77 6.05 3.13
CA ILE A 69 -2.06 7.19 3.68
C ILE A 69 -2.70 8.50 3.23
N THR A 70 -2.83 9.44 4.16
CA THR A 70 -3.40 10.74 3.85
C THR A 70 -2.32 11.80 3.68
N LEU A 71 -2.33 12.48 2.54
CA LEU A 71 -1.29 13.45 2.22
C LEU A 71 -1.88 14.83 2.02
N ASP B 28 3.31 13.26 -11.67
CA ASP B 28 4.77 13.26 -11.79
C ASP B 28 5.42 12.66 -10.54
N TYR B 29 5.02 13.14 -9.38
CA TYR B 29 5.67 12.77 -8.13
C TYR B 29 5.04 11.52 -7.52
N LEU B 30 3.80 11.67 -7.06
CA LEU B 30 3.13 10.59 -6.34
C LEU B 30 2.81 9.42 -7.26
N PRO B 31 2.35 9.74 -8.48
CA PRO B 31 2.06 8.71 -9.47
C PRO B 31 3.25 7.77 -9.64
N THR B 32 4.45 8.32 -9.64
CA THR B 32 5.67 7.53 -9.72
C THR B 32 5.86 6.69 -8.46
N LEU B 33 5.67 7.32 -7.30
CA LEU B 33 5.80 6.63 -6.02
C LEU B 33 4.77 5.52 -5.89
N ARG B 34 3.62 5.71 -6.52
CA ARG B 34 2.58 4.69 -6.52
C ARG B 34 3.01 3.46 -7.28
N LYS B 35 3.61 3.66 -8.45
CA LYS B 35 4.24 2.57 -9.19
C LYS B 35 5.33 1.89 -8.36
N GLU B 36 6.14 2.69 -7.68
CA GLU B 36 7.19 2.17 -6.82
C GLU B 36 6.62 1.27 -5.73
N LEU B 37 5.49 1.69 -5.17
CA LEU B 37 4.81 0.89 -4.14
C LEU B 37 4.35 -0.45 -4.70
N MET B 38 3.84 -0.43 -5.92
CA MET B 38 3.40 -1.65 -6.58
C MET B 38 4.56 -2.64 -6.75
N GLU B 39 5.69 -2.13 -7.23
CA GLU B 39 6.87 -2.96 -7.44
C GLU B 39 7.33 -3.59 -6.14
N VAL B 40 7.39 -2.80 -5.08
CA VAL B 40 7.82 -3.28 -3.78
C VAL B 40 6.90 -4.39 -3.27
N LEU B 41 5.60 -4.22 -3.50
CA LEU B 41 4.61 -5.19 -3.05
C LEU B 41 4.69 -6.48 -3.86
N SER B 42 4.91 -6.35 -5.17
CA SER B 42 5.03 -7.50 -6.05
C SER B 42 6.21 -8.38 -5.66
N LYS B 43 7.22 -7.77 -5.04
CA LYS B 43 8.41 -8.49 -4.61
C LYS B 43 8.18 -9.17 -3.27
N TYR B 44 7.32 -8.58 -2.44
CA TYR B 44 7.03 -9.12 -1.12
C TYR B 44 6.28 -10.44 -1.21
N VAL B 45 5.28 -10.48 -2.09
CA VAL B 45 4.49 -11.70 -2.28
C VAL B 45 4.76 -12.31 -3.64
N ASN B 46 5.77 -11.80 -4.33
CA ASN B 46 6.29 -12.44 -5.53
C ASN B 46 5.19 -12.64 -6.56
N VAL B 47 4.32 -11.64 -6.69
CA VAL B 47 3.33 -11.63 -7.77
C VAL B 47 3.73 -10.66 -8.87
N SER B 48 2.82 -10.42 -9.81
CA SER B 48 3.05 -9.45 -10.87
C SER B 48 2.27 -8.17 -10.62
N LEU B 49 2.56 -7.13 -11.41
CA LEU B 49 1.92 -5.84 -11.25
C LEU B 49 0.45 -5.91 -11.62
N ASP B 50 0.08 -6.94 -12.37
CA ASP B 50 -1.29 -7.10 -12.83
C ASP B 50 -2.22 -7.51 -11.70
N ASN B 51 -1.63 -7.99 -10.61
CA ASN B 51 -2.40 -8.42 -9.45
C ASN B 51 -2.46 -7.34 -8.38
N ILE B 52 -1.94 -6.16 -8.73
CA ILE B 52 -1.87 -5.06 -7.78
C ILE B 52 -2.66 -3.85 -8.27
N ARG B 53 -3.40 -3.22 -7.38
CA ARG B 53 -4.13 -2.00 -7.70
C ARG B 53 -3.82 -0.89 -6.72
N ILE B 54 -3.71 0.34 -7.22
CA ILE B 54 -3.43 1.50 -6.39
C ILE B 54 -4.12 2.75 -6.94
N SER B 55 -4.76 3.49 -6.04
CA SER B 55 -5.60 4.62 -6.45
C SER B 55 -5.17 5.90 -5.76
N GLN B 56 -5.30 7.02 -6.47
CA GLN B 56 -5.01 8.33 -5.90
C GLN B 56 -6.22 9.26 -5.99
N GLU B 57 -6.79 9.59 -4.85
CA GLU B 57 -8.08 10.27 -4.80
C GLU B 57 -8.06 11.44 -3.83
N LYS B 58 -8.80 12.49 -4.17
CA LYS B 58 -8.92 13.66 -3.30
C LYS B 58 -10.26 13.68 -2.58
N GLN B 59 -10.23 13.51 -1.27
CA GLN B 59 -11.44 13.47 -0.47
C GLN B 59 -11.29 14.27 0.82
N ASP B 60 -12.27 15.11 1.11
CA ASP B 60 -12.24 15.96 2.30
C ASP B 60 -11.04 16.91 2.24
N GLY B 61 -10.62 17.24 1.03
CA GLY B 61 -9.59 18.25 0.83
C GLY B 61 -8.19 17.63 0.85
N MET B 62 -8.12 16.35 1.20
CA MET B 62 -6.84 15.66 1.35
C MET B 62 -6.63 14.64 0.23
N ASP B 63 -5.37 14.38 -0.09
CA ASP B 63 -5.03 13.40 -1.12
C ASP B 63 -4.63 12.07 -0.51
N VAL B 64 -5.48 11.06 -0.70
CA VAL B 64 -5.31 9.78 -0.04
C VAL B 64 -4.94 8.69 -1.02
N LEU B 65 -3.81 8.02 -0.77
CA LEU B 65 -3.40 6.88 -1.58
C LEU B 65 -3.93 5.58 -0.99
N GLU B 66 -4.39 4.70 -1.87
CA GLU B 66 -4.91 3.40 -1.46
C GLU B 66 -4.29 2.27 -2.27
N LEU B 67 -3.61 1.35 -1.59
CA LEU B 67 -2.95 0.23 -2.26
C LEU B 67 -3.56 -1.10 -1.84
N ASN B 68 -4.06 -1.84 -2.81
CA ASN B 68 -4.79 -3.08 -2.54
C ASN B 68 -4.13 -4.27 -3.23
N ILE B 69 -4.22 -5.44 -2.59
CA ILE B 69 -3.80 -6.68 -3.23
C ILE B 69 -4.59 -7.87 -2.67
N THR B 70 -5.01 -8.75 -3.55
CA THR B 70 -5.75 -9.94 -3.15
C THR B 70 -4.85 -11.18 -3.13
N LEU B 71 -4.80 -11.85 -1.99
CA LEU B 71 -3.91 -13.00 -1.82
C LEU B 71 -4.69 -14.26 -1.51
N ASP A 28 3.77 -13.14 12.33
CA ASP A 28 5.21 -12.88 12.46
C ASP A 28 5.84 -12.59 11.10
N TYR A 29 5.22 -13.11 10.05
CA TYR A 29 5.79 -13.00 8.70
C TYR A 29 5.27 -11.76 7.98
N LEU A 30 3.96 -11.74 7.72
CA LEU A 30 3.36 -10.67 6.94
C LEU A 30 3.39 -9.35 7.70
N PRO A 31 3.10 -9.41 8.99
CA PRO A 31 3.15 -8.23 9.84
C PRO A 31 4.49 -7.51 9.71
N THR A 32 5.57 -8.29 9.59
CA THR A 32 6.90 -7.73 9.40
C THR A 32 7.00 -7.04 8.04
N LEU A 33 6.50 -7.71 7.00
CA LEU A 33 6.50 -7.15 5.66
C LEU A 33 5.65 -5.88 5.60
N ARG A 34 4.57 -5.86 6.39
CA ARG A 34 3.72 -4.69 6.48
C ARG A 34 4.47 -3.49 7.06
N LYS A 35 5.25 -3.75 8.10
CA LYS A 35 6.11 -2.72 8.68
C LYS A 35 7.14 -2.23 7.67
N GLU A 36 7.67 -3.16 6.88
CA GLU A 36 8.60 -2.80 5.81
C GLU A 36 7.94 -1.90 4.79
N LEU A 37 6.67 -2.15 4.50
CA LEU A 37 5.90 -1.33 3.57
C LEU A 37 5.67 0.07 4.14
N MET A 38 5.43 0.14 5.45
CA MET A 38 5.28 1.41 6.13
C MET A 38 6.54 2.25 6.00
N GLU A 39 7.69 1.62 6.18
CA GLU A 39 8.98 2.28 5.98
C GLU A 39 9.07 2.89 4.58
N VAL A 40 8.71 2.10 3.57
CA VAL A 40 8.80 2.54 2.19
C VAL A 40 7.88 3.73 1.91
N LEU A 41 6.70 3.70 2.53
CA LEU A 41 5.71 4.76 2.33
C LEU A 41 6.10 6.02 3.10
N SER A 42 6.68 5.83 4.28
CA SER A 42 7.21 6.95 5.06
C SER A 42 8.27 7.72 4.27
N LYS A 43 9.02 6.99 3.45
CA LYS A 43 10.14 7.59 2.72
C LYS A 43 9.65 8.19 1.39
N TYR A 44 8.55 7.66 0.88
CA TYR A 44 8.00 8.12 -0.39
C TYR A 44 7.14 9.36 -0.18
N VAL A 45 6.16 9.25 0.70
CA VAL A 45 5.17 10.32 0.88
C VAL A 45 5.61 11.30 1.97
N ASN A 46 6.70 10.95 2.66
CA ASN A 46 7.26 11.82 3.69
C ASN A 46 6.29 11.99 4.86
N VAL A 47 5.51 10.95 5.14
CA VAL A 47 4.72 10.89 6.35
C VAL A 47 5.35 9.95 7.38
N SER A 48 4.84 10.00 8.61
CA SER A 48 5.33 9.12 9.66
C SER A 48 4.55 7.82 9.71
N LEU A 49 4.99 6.89 10.54
CA LEU A 49 4.36 5.58 10.64
C LEU A 49 2.92 5.71 11.10
N ASP A 50 2.65 6.68 11.96
CA ASP A 50 1.33 6.86 12.54
C ASP A 50 0.34 7.37 11.49
N ASN A 51 0.86 7.79 10.35
CA ASN A 51 0.02 8.30 9.26
C ASN A 51 -0.25 7.21 8.24
N ILE A 52 0.12 5.98 8.56
CA ILE A 52 -0.10 4.85 7.67
C ILE A 52 -0.99 3.81 8.32
N ARG A 53 -1.98 3.32 7.57
CA ARG A 53 -2.85 2.25 8.04
C ARG A 53 -2.82 1.06 7.10
N ILE A 54 -2.54 -0.12 7.66
CA ILE A 54 -2.50 -1.34 6.87
C ILE A 54 -3.41 -2.41 7.49
N SER A 55 -4.23 -3.04 6.65
CA SER A 55 -5.17 -4.05 7.11
C SER A 55 -5.47 -5.06 6.01
N GLN A 56 -5.57 -6.33 6.39
CA GLN A 56 -5.90 -7.39 5.45
C GLN A 56 -7.27 -7.98 5.72
N GLU A 57 -8.05 -8.16 4.67
CA GLU A 57 -9.45 -8.58 4.80
C GLU A 57 -9.78 -9.71 3.85
N LYS A 58 -10.70 -10.58 4.25
CA LYS A 58 -11.17 -11.67 3.40
C LYS A 58 -12.54 -11.35 2.81
N GLN A 59 -12.61 -11.25 1.49
CA GLN A 59 -13.84 -10.87 0.81
C GLN A 59 -14.02 -11.67 -0.47
N ASP A 60 -15.18 -12.29 -0.61
CA ASP A 60 -15.48 -13.11 -1.78
C ASP A 60 -14.51 -14.28 -1.89
N GLY A 61 -13.94 -14.68 -0.77
CA GLY A 61 -13.06 -15.84 -0.72
C GLY A 61 -11.61 -15.45 -0.94
N MET A 62 -11.39 -14.20 -1.36
CA MET A 62 -10.05 -13.71 -1.65
C MET A 62 -9.51 -12.88 -0.50
N ASP A 63 -8.19 -12.91 -0.32
CA ASP A 63 -7.53 -12.11 0.70
C ASP A 63 -6.92 -10.85 0.10
N VAL A 64 -7.36 -9.70 0.58
CA VAL A 64 -6.90 -8.41 0.04
C VAL A 64 -6.20 -7.59 1.10
N LEU A 65 -4.91 -7.36 0.92
CA LEU A 65 -4.16 -6.41 1.75
C LEU A 65 -4.41 -4.98 1.32
N GLU A 66 -4.69 -4.11 2.28
CA GLU A 66 -5.03 -2.73 2.00
C GLU A 66 -4.11 -1.77 2.77
N LEU A 67 -3.57 -0.79 2.06
CA LEU A 67 -2.76 0.25 2.68
C LEU A 67 -3.35 1.64 2.45
N ASN A 68 -3.34 2.47 3.49
CA ASN A 68 -3.82 3.83 3.39
C ASN A 68 -2.79 4.82 3.92
N ILE A 69 -2.51 5.85 3.13
CA ILE A 69 -1.53 6.86 3.51
C ILE A 69 -2.15 8.25 3.52
N THR A 70 -2.25 8.85 4.71
CA THR A 70 -2.90 10.14 4.87
C THR A 70 -1.91 11.28 4.75
N LEU A 71 -2.11 12.15 3.76
CA LEU A 71 -1.25 13.31 3.57
C LEU A 71 -2.06 14.60 3.60
N ASP B 28 4.06 12.45 -12.93
CA ASP B 28 5.39 11.95 -13.28
C ASP B 28 6.16 11.54 -12.03
N TYR B 29 5.81 12.15 -10.90
CA TYR B 29 6.55 11.92 -9.65
C TYR B 29 5.94 10.78 -8.84
N LEU B 30 4.70 10.99 -8.39
CA LEU B 30 4.05 10.02 -7.51
C LEU B 30 3.74 8.73 -8.25
N PRO B 31 3.26 8.85 -9.49
CA PRO B 31 2.99 7.69 -10.32
C PRO B 31 4.18 6.75 -10.38
N THR B 32 5.38 7.33 -10.44
CA THR B 32 6.61 6.55 -10.44
C THR B 32 6.80 5.84 -9.11
N LEU B 33 6.59 6.57 -8.02
CA LEU B 33 6.69 6.00 -6.68
C LEU B 33 5.66 4.89 -6.47
N ARG B 34 4.49 5.07 -7.09
CA ARG B 34 3.44 4.06 -7.03
C ARG B 34 3.88 2.76 -7.71
N LYS B 35 4.52 2.89 -8.86
CA LYS B 35 5.09 1.75 -9.55
C LYS B 35 6.16 1.07 -8.70
N GLU B 36 6.96 1.88 -8.01
CA GLU B 36 7.97 1.36 -7.09
C GLU B 36 7.32 0.56 -5.97
N LEU B 37 6.17 1.03 -5.50
CA LEU B 37 5.43 0.34 -4.44
C LEU B 37 4.88 -0.99 -4.96
N MET B 38 4.43 -1.00 -6.21
CA MET B 38 3.96 -2.22 -6.84
C MET B 38 5.06 -3.26 -6.90
N GLU B 39 6.26 -2.83 -7.26
CA GLU B 39 7.43 -3.72 -7.24
C GLU B 39 7.62 -4.35 -5.87
N VAL B 40 7.57 -3.52 -4.83
CA VAL B 40 7.79 -3.99 -3.47
C VAL B 40 6.73 -5.00 -3.04
N LEU B 41 5.50 -4.77 -3.47
CA LEU B 41 4.38 -5.64 -3.12
C LEU B 41 4.43 -6.94 -3.92
N SER B 42 4.84 -6.84 -5.17
CA SER B 42 5.05 -8.02 -6.01
C SER B 42 6.06 -8.97 -5.38
N LYS B 43 7.05 -8.40 -4.70
CA LYS B 43 8.14 -9.18 -4.13
C LYS B 43 7.77 -9.71 -2.74
N TYR B 44 6.87 -9.01 -2.07
CA TYR B 44 6.44 -9.38 -0.73
C TYR B 44 5.36 -10.45 -0.78
N VAL B 45 4.29 -10.17 -1.51
CA VAL B 45 3.12 -11.05 -1.52
C VAL B 45 3.21 -12.07 -2.65
N ASN B 46 4.23 -11.90 -3.51
CA ASN B 46 4.46 -12.84 -4.59
C ASN B 46 3.31 -12.83 -5.60
N VAL B 47 2.69 -11.67 -5.77
CA VAL B 47 1.74 -11.45 -6.85
C VAL B 47 2.36 -10.62 -7.97
N SER B 48 1.68 -10.57 -9.11
CA SER B 48 2.14 -9.78 -10.24
C SER B 48 1.60 -8.36 -10.18
N LEU B 49 2.06 -7.51 -11.09
CA LEU B 49 1.66 -6.11 -11.11
C LEU B 49 0.16 -5.98 -11.34
N ASP B 50 -0.40 -6.87 -12.13
CA ASP B 50 -1.80 -6.82 -12.50
C ASP B 50 -2.70 -7.16 -11.31
N ASN B 51 -2.09 -7.69 -10.25
CA ASN B 51 -2.82 -8.05 -9.05
C ASN B 51 -2.75 -6.95 -8.01
N ILE B 52 -2.22 -5.79 -8.40
CA ILE B 52 -2.10 -4.66 -7.50
C ILE B 52 -2.88 -3.47 -8.02
N ARG B 53 -3.66 -2.83 -7.13
CA ARG B 53 -4.39 -1.62 -7.48
C ARG B 53 -4.01 -0.46 -6.57
N ILE B 54 -3.62 0.66 -7.18
CA ILE B 54 -3.25 1.85 -6.43
C ILE B 54 -4.04 3.07 -6.91
N SER B 55 -4.61 3.81 -5.96
CA SER B 55 -5.42 4.97 -6.29
C SER B 55 -5.37 6.01 -5.17
N GLN B 56 -5.31 7.28 -5.55
CA GLN B 56 -5.30 8.37 -4.58
C GLN B 56 -6.57 9.19 -4.65
N GLU B 57 -7.14 9.49 -3.49
CA GLU B 57 -8.45 10.14 -3.42
C GLU B 57 -8.43 11.31 -2.44
N LYS B 58 -9.24 12.32 -2.71
CA LYS B 58 -9.38 13.46 -1.81
C LYS B 58 -10.68 13.38 -1.02
N GLN B 59 -10.55 13.27 0.30
CA GLN B 59 -11.72 13.10 1.16
C GLN B 59 -11.56 13.91 2.45
N ASP B 60 -12.56 14.72 2.75
CA ASP B 60 -12.53 15.56 3.95
C ASP B 60 -11.37 16.54 3.89
N GLY B 61 -10.91 16.85 2.69
CA GLY B 61 -9.86 17.84 2.49
C GLY B 61 -8.49 17.20 2.50
N MET B 62 -8.43 15.93 2.89
CA MET B 62 -7.17 15.22 2.98
C MET B 62 -6.96 14.32 1.77
N ASP B 63 -5.69 14.12 1.40
CA ASP B 63 -5.34 13.23 0.30
C ASP B 63 -4.88 11.88 0.82
N VAL B 64 -5.57 10.83 0.42
CA VAL B 64 -5.27 9.48 0.90
C VAL B 64 -4.90 8.56 -0.24
N LEU B 65 -3.65 8.11 -0.25
CA LEU B 65 -3.21 7.06 -1.18
C LEU B 65 -3.63 5.68 -0.69
N GLU B 66 -4.20 4.89 -1.59
CA GLU B 66 -4.73 3.58 -1.25
C GLU B 66 -4.11 2.49 -2.13
N LEU B 67 -3.66 1.42 -1.50
CA LEU B 67 -3.14 0.27 -2.23
C LEU B 67 -3.92 -1.00 -1.89
N ASN B 68 -4.21 -1.81 -2.91
CA ASN B 68 -4.90 -3.07 -2.71
C ASN B 68 -4.14 -4.22 -3.38
N ILE B 69 -3.93 -5.29 -2.63
CA ILE B 69 -3.21 -6.45 -3.14
C ILE B 69 -4.05 -7.71 -3.04
N THR B 70 -4.44 -8.26 -4.19
CA THR B 70 -5.32 -9.43 -4.23
C THR B 70 -4.53 -10.72 -4.25
N LEU B 71 -4.72 -11.55 -3.23
CA LEU B 71 -4.05 -12.84 -3.16
C LEU B 71 -5.07 -13.97 -3.05
N ASP A 28 3.33 -14.12 11.15
CA ASP A 28 4.68 -13.60 11.40
C ASP A 28 5.36 -13.20 10.09
N TYR A 29 4.86 -13.74 8.98
CA TYR A 29 5.48 -13.51 7.67
C TYR A 29 4.98 -12.20 7.05
N LEU A 30 3.67 -12.14 6.80
CA LEU A 30 3.09 -10.99 6.12
C LEU A 30 3.09 -9.76 7.01
N PRO A 31 2.77 -9.95 8.28
CA PRO A 31 2.79 -8.87 9.25
C PRO A 31 4.12 -8.12 9.21
N THR A 32 5.21 -8.87 9.08
CA THR A 32 6.54 -8.28 8.99
C THR A 32 6.72 -7.50 7.70
N LEU A 33 6.28 -8.09 6.60
CA LEU A 33 6.33 -7.43 5.30
C LEU A 33 5.47 -6.17 5.29
N ARG A 34 4.35 -6.21 6.00
CA ARG A 34 3.45 -5.07 6.08
C ARG A 34 4.10 -3.91 6.82
N LYS A 35 4.84 -4.22 7.88
CA LYS A 35 5.65 -3.23 8.58
C LYS A 35 6.72 -2.64 7.66
N GLU A 36 7.33 -3.50 6.86
CA GLU A 36 8.33 -3.07 5.89
C GLU A 36 7.72 -2.12 4.86
N LEU A 37 6.49 -2.42 4.46
CA LEU A 37 5.77 -1.58 3.50
C LEU A 37 5.54 -0.18 4.07
N MET A 38 5.20 -0.11 5.35
CA MET A 38 5.00 1.16 6.02
C MET A 38 6.27 1.99 6.03
N GLU A 39 7.40 1.34 6.26
CA GLU A 39 8.70 1.98 6.15
C GLU A 39 8.91 2.57 4.76
N VAL A 40 8.67 1.75 3.75
CA VAL A 40 8.84 2.19 2.36
C VAL A 40 7.97 3.39 2.05
N LEU A 41 6.74 3.38 2.55
CA LEU A 41 5.81 4.47 2.33
C LEU A 41 6.29 5.75 3.00
N SER A 42 6.76 5.62 4.24
CA SER A 42 7.20 6.78 5.01
C SER A 42 8.40 7.45 4.36
N LYS A 43 9.19 6.67 3.62
CA LYS A 43 10.40 7.17 2.99
C LYS A 43 10.12 7.69 1.58
N TYR A 44 9.14 7.09 0.92
CA TYR A 44 8.80 7.47 -0.45
C TYR A 44 8.05 8.79 -0.48
N VAL A 45 6.80 8.76 -0.03
CA VAL A 45 5.87 9.86 -0.30
C VAL A 45 5.94 10.92 0.80
N ASN A 46 6.83 10.70 1.76
CA ASN A 46 7.03 11.67 2.84
C ASN A 46 5.83 11.70 3.77
N VAL A 47 5.77 10.75 4.69
CA VAL A 47 4.59 10.56 5.53
C VAL A 47 4.94 9.83 6.81
N SER A 48 4.19 10.10 7.87
CA SER A 48 4.43 9.47 9.17
C SER A 48 3.70 8.14 9.27
N LEU A 49 4.25 7.24 10.07
CA LEU A 49 3.66 5.91 10.26
C LEU A 49 2.25 6.03 10.84
N ASP A 50 2.03 7.07 11.64
CA ASP A 50 0.72 7.29 12.26
C ASP A 50 -0.32 7.65 11.20
N ASN A 51 0.14 8.08 10.03
CA ASN A 51 -0.74 8.47 8.95
C ASN A 51 -0.92 7.35 7.94
N ILE A 52 -0.44 6.16 8.30
CA ILE A 52 -0.59 4.99 7.45
C ILE A 52 -1.44 3.93 8.12
N ARG A 53 -2.56 3.59 7.49
CA ARG A 53 -3.48 2.59 8.03
C ARG A 53 -3.36 1.27 7.29
N ILE A 54 -3.02 0.21 8.01
CA ILE A 54 -2.86 -1.11 7.42
C ILE A 54 -3.96 -2.06 7.89
N SER A 55 -4.65 -2.68 6.95
CA SER A 55 -5.72 -3.61 7.27
C SER A 55 -5.76 -4.78 6.28
N GLN A 56 -6.15 -5.94 6.78
CA GLN A 56 -6.24 -7.14 5.94
C GLN A 56 -7.56 -7.87 6.17
N GLU A 57 -8.20 -8.28 5.08
CA GLU A 57 -9.52 -8.89 5.15
C GLU A 57 -9.69 -9.97 4.08
N LYS A 58 -10.36 -11.06 4.44
CA LYS A 58 -10.59 -12.16 3.51
C LYS A 58 -11.84 -11.93 2.67
N GLN A 59 -11.69 -12.01 1.36
CA GLN A 59 -12.78 -11.73 0.44
C GLN A 59 -12.72 -12.64 -0.79
N ASP A 60 -13.81 -13.35 -1.04
CA ASP A 60 -13.91 -14.19 -2.22
C ASP A 60 -12.84 -15.29 -2.22
N GLY A 61 -12.49 -15.74 -1.02
CA GLY A 61 -11.59 -16.90 -0.88
C GLY A 61 -10.13 -16.45 -0.85
N MET A 62 -9.90 -15.16 -1.06
CA MET A 62 -8.55 -14.62 -1.11
C MET A 62 -8.34 -13.56 -0.03
N ASP A 63 -7.09 -13.34 0.34
CA ASP A 63 -6.74 -12.36 1.36
C ASP A 63 -6.32 -11.03 0.72
N VAL A 64 -6.99 -9.96 1.11
CA VAL A 64 -6.73 -8.64 0.53
C VAL A 64 -6.06 -7.72 1.53
N LEU A 65 -4.90 -7.19 1.15
CA LEU A 65 -4.18 -6.22 1.99
C LEU A 65 -4.50 -4.80 1.56
N GLU A 66 -4.86 -3.96 2.53
CA GLU A 66 -5.27 -2.59 2.24
C GLU A 66 -4.35 -1.60 2.95
N LEU A 67 -3.80 -0.66 2.17
CA LEU A 67 -2.96 0.40 2.72
C LEU A 67 -3.55 1.77 2.43
N ASN A 68 -3.72 2.58 3.47
CA ASN A 68 -4.24 3.93 3.30
C ASN A 68 -3.26 4.96 3.84
N ILE A 69 -2.75 5.81 2.95
CA ILE A 69 -1.72 6.78 3.31
C ILE A 69 -2.24 8.20 3.16
N THR A 70 -2.32 8.92 4.28
CA THR A 70 -2.75 10.30 4.27
C THR A 70 -1.58 11.26 4.08
N LEU A 71 -1.63 12.05 3.02
CA LEU A 71 -0.55 12.96 2.69
C LEU A 71 -1.07 14.36 2.41
N ASP B 28 3.98 13.48 -11.71
CA ASP B 28 5.16 12.74 -12.16
C ASP B 28 5.95 12.21 -10.96
N TYR B 29 5.73 12.81 -9.80
CA TYR B 29 6.49 12.46 -8.60
C TYR B 29 5.87 11.26 -7.89
N LEU B 30 4.63 11.42 -7.44
CA LEU B 30 3.97 10.38 -6.67
C LEU B 30 3.62 9.17 -7.53
N PRO B 31 3.15 9.44 -8.74
CA PRO B 31 2.83 8.37 -9.69
C PRO B 31 4.01 7.41 -9.84
N THR B 32 5.22 7.96 -9.88
CA THR B 32 6.42 7.15 -9.99
C THR B 32 6.66 6.33 -8.73
N LEU B 33 6.50 6.97 -7.58
CA LEU B 33 6.63 6.30 -6.30
C LEU B 33 5.58 5.20 -6.15
N ARG B 34 4.39 5.45 -6.67
CA ARG B 34 3.31 4.48 -6.61
C ARG B 34 3.63 3.24 -7.42
N LYS B 35 4.24 3.43 -8.58
CA LYS B 35 4.75 2.32 -9.38
C LYS B 35 5.82 1.55 -8.63
N GLU B 36 6.69 2.28 -7.94
CA GLU B 36 7.74 1.66 -7.13
C GLU B 36 7.14 0.82 -6.01
N LEU B 37 6.05 1.32 -5.43
CA LEU B 37 5.36 0.61 -4.36
C LEU B 37 4.80 -0.72 -4.86
N MET B 38 4.26 -0.71 -6.08
CA MET B 38 3.75 -1.92 -6.70
C MET B 38 4.84 -2.96 -6.89
N GLU B 39 6.01 -2.51 -7.30
CA GLU B 39 7.19 -3.37 -7.38
C GLU B 39 7.50 -4.00 -6.03
N VAL B 40 7.56 -3.17 -5.00
CA VAL B 40 7.87 -3.65 -3.66
C VAL B 40 6.86 -4.69 -3.20
N LEU B 41 5.58 -4.45 -3.50
CA LEU B 41 4.53 -5.37 -3.13
C LEU B 41 4.68 -6.71 -3.85
N SER B 42 4.96 -6.65 -5.15
CA SER B 42 5.08 -7.85 -5.96
C SER B 42 6.22 -8.73 -5.49
N LYS B 43 7.24 -8.10 -4.89
CA LYS B 43 8.43 -8.81 -4.45
C LYS B 43 8.28 -9.30 -3.01
N TYR B 44 7.53 -8.55 -2.21
CA TYR B 44 7.35 -8.88 -0.80
C TYR B 44 6.39 -10.05 -0.63
N VAL B 45 5.11 -9.80 -0.89
CA VAL B 45 4.06 -10.72 -0.47
C VAL B 45 3.78 -11.77 -1.55
N ASN B 46 4.53 -11.69 -2.64
CA ASN B 46 4.40 -12.67 -3.72
C ASN B 46 3.08 -12.48 -4.46
N VAL B 47 3.05 -11.52 -5.37
CA VAL B 47 1.81 -11.12 -6.02
C VAL B 47 2.07 -10.44 -7.36
N SER B 48 1.14 -10.57 -8.29
CA SER B 48 1.28 -9.97 -9.61
C SER B 48 0.79 -8.53 -9.62
N LEU B 49 1.35 -7.73 -10.51
CA LEU B 49 0.97 -6.32 -10.62
C LEU B 49 -0.50 -6.18 -10.97
N ASP B 50 -1.02 -7.16 -11.72
CA ASP B 50 -2.43 -7.14 -12.12
C ASP B 50 -3.34 -7.33 -10.92
N ASN B 51 -2.78 -7.85 -9.83
CA ASN B 51 -3.55 -8.10 -8.62
C ASN B 51 -3.37 -6.97 -7.61
N ILE B 52 -2.76 -5.88 -8.05
CA ILE B 52 -2.57 -4.71 -7.20
C ILE B 52 -3.32 -3.51 -7.75
N ARG B 53 -4.25 -2.99 -6.96
CA ARG B 53 -5.06 -1.85 -7.37
C ARG B 53 -4.60 -0.58 -6.67
N ILE B 54 -4.19 0.42 -7.45
CA ILE B 54 -3.73 1.69 -6.91
C ILE B 54 -4.70 2.81 -7.22
N SER B 55 -5.12 3.53 -6.19
CA SER B 55 -6.05 4.64 -6.36
C SER B 55 -5.74 5.78 -5.39
N GLN B 56 -6.00 7.00 -5.84
CA GLN B 56 -5.75 8.19 -5.01
C GLN B 56 -6.94 9.13 -5.05
N GLU B 57 -7.33 9.64 -3.88
CA GLU B 57 -8.52 10.47 -3.75
C GLU B 57 -8.33 11.54 -2.69
N LYS B 58 -8.85 12.74 -2.96
CA LYS B 58 -8.74 13.84 -2.01
C LYS B 58 -9.87 13.83 -1.00
N GLN B 59 -9.51 13.87 0.28
CA GLN B 59 -10.48 13.76 1.36
C GLN B 59 -10.08 14.63 2.55
N ASP B 60 -10.98 15.52 2.95
CA ASP B 60 -10.76 16.35 4.12
C ASP B 60 -9.52 17.24 3.95
N GLY B 61 -9.28 17.65 2.70
CA GLY B 61 -8.23 18.63 2.42
C GLY B 61 -6.89 17.94 2.16
N MET B 62 -6.86 16.63 2.35
CA MET B 62 -5.63 15.86 2.20
C MET B 62 -5.78 14.79 1.12
N ASP B 63 -4.65 14.37 0.57
CA ASP B 63 -4.64 13.35 -0.48
C ASP B 63 -4.36 11.97 0.11
N VAL B 64 -5.26 11.03 -0.16
CA VAL B 64 -5.14 9.68 0.39
C VAL B 64 -4.80 8.67 -0.69
N LEU B 65 -3.70 7.94 -0.49
CA LEU B 65 -3.30 6.88 -1.41
C LEU B 65 -3.79 5.52 -0.92
N GLU B 66 -4.43 4.77 -1.81
CA GLU B 66 -5.02 3.49 -1.44
C GLU B 66 -4.41 2.36 -2.27
N LEU B 67 -3.91 1.34 -1.57
CA LEU B 67 -3.37 0.16 -2.23
C LEU B 67 -4.13 -1.10 -1.83
N ASN B 68 -4.60 -1.85 -2.82
CA ASN B 68 -5.31 -3.10 -2.56
C ASN B 68 -4.61 -4.27 -3.23
N ILE B 69 -4.12 -5.21 -2.42
CA ILE B 69 -3.34 -6.33 -2.92
C ILE B 69 -4.07 -7.65 -2.67
N THR B 70 -4.45 -8.32 -3.75
CA THR B 70 -5.11 -9.62 -3.66
C THR B 70 -4.10 -10.76 -3.64
N LEU B 71 -4.13 -11.55 -2.57
CA LEU B 71 -3.18 -12.64 -2.41
C LEU B 71 -3.89 -13.93 -2.02
N ASP A 28 4.04 -15.71 12.50
CA ASP A 28 3.51 -14.95 11.37
C ASP A 28 4.38 -13.74 11.07
N TYR A 29 5.00 -13.74 9.89
CA TYR A 29 5.94 -12.69 9.52
C TYR A 29 5.33 -11.74 8.50
N LEU A 30 4.02 -11.79 8.36
CA LEU A 30 3.30 -10.88 7.47
C LEU A 30 3.27 -9.47 8.03
N PRO A 31 3.08 -9.36 9.34
CA PRO A 31 3.09 -8.06 10.01
C PRO A 31 4.38 -7.31 9.72
N THR A 32 5.49 -8.06 9.60
CA THR A 32 6.79 -7.46 9.38
C THR A 32 6.91 -6.91 7.96
N LEU A 33 6.29 -7.61 7.01
CA LEU A 33 6.17 -7.11 5.64
C LEU A 33 5.34 -5.84 5.60
N ARG A 34 4.28 -5.80 6.41
CA ARG A 34 3.46 -4.60 6.54
C ARG A 34 4.28 -3.43 7.06
N LYS A 35 5.09 -3.69 8.08
CA LYS A 35 5.96 -2.67 8.65
C LYS A 35 7.04 -2.25 7.66
N GLU A 36 7.50 -3.21 6.87
CA GLU A 36 8.45 -2.93 5.80
C GLU A 36 7.86 -1.96 4.78
N LEU A 37 6.59 -2.17 4.44
CA LEU A 37 5.89 -1.26 3.55
C LEU A 37 5.75 0.13 4.17
N MET A 38 5.51 0.17 5.47
CA MET A 38 5.47 1.43 6.20
C MET A 38 6.78 2.19 6.05
N GLU A 39 7.89 1.48 6.24
CA GLU A 39 9.22 2.06 6.02
C GLU A 39 9.34 2.66 4.63
N VAL A 40 8.89 1.91 3.63
CA VAL A 40 8.96 2.35 2.24
C VAL A 40 8.12 3.61 2.02
N LEU A 41 6.96 3.67 2.66
CA LEU A 41 6.07 4.81 2.53
C LEU A 41 6.67 6.04 3.20
N SER A 42 7.30 5.84 4.35
CA SER A 42 7.93 6.93 5.08
C SER A 42 9.12 7.50 4.32
N LYS A 43 9.57 6.77 3.31
CA LYS A 43 10.65 7.25 2.44
C LYS A 43 10.09 7.87 1.17
N TYR A 44 8.98 7.34 0.68
CA TYR A 44 8.37 7.80 -0.56
C TYR A 44 7.59 9.08 -0.33
N VAL A 45 6.57 9.01 0.53
CA VAL A 45 5.63 10.11 0.71
C VAL A 45 5.81 10.76 2.08
N ASN A 46 6.74 10.23 2.86
CA ASN A 46 7.15 10.86 4.11
C ASN A 46 5.97 10.95 5.09
N VAL A 47 5.02 10.04 4.94
CA VAL A 47 3.90 9.95 5.88
C VAL A 47 4.26 9.04 7.05
N SER A 48 3.68 9.34 8.21
CA SER A 48 4.12 8.73 9.46
C SER A 48 3.25 7.54 9.82
N LEU A 49 3.71 6.75 10.80
CA LEU A 49 3.00 5.55 11.21
C LEU A 49 1.60 5.87 11.69
N ASP A 50 1.45 7.01 12.34
CA ASP A 50 0.16 7.43 12.87
C ASP A 50 -0.84 7.68 11.73
N ASN A 51 -0.32 7.90 10.53
CA ASN A 51 -1.15 8.24 9.39
C ASN A 51 -1.12 7.15 8.33
N ILE A 52 -0.70 5.96 8.73
CA ILE A 52 -0.70 4.81 7.84
C ILE A 52 -1.46 3.63 8.45
N ARG A 53 -2.43 3.11 7.72
CA ARG A 53 -3.20 1.95 8.17
C ARG A 53 -3.07 0.79 7.19
N ILE A 54 -2.64 -0.36 7.71
CA ILE A 54 -2.42 -1.53 6.87
C ILE A 54 -3.07 -2.77 7.49
N SER A 55 -3.87 -3.47 6.70
CA SER A 55 -4.60 -4.64 7.18
C SER A 55 -5.09 -5.50 6.02
N GLN A 56 -5.22 -6.80 6.28
CA GLN A 56 -5.75 -7.73 5.28
C GLN A 56 -7.15 -8.18 5.64
N GLU A 57 -7.97 -8.46 4.63
CA GLU A 57 -9.33 -8.96 4.85
C GLU A 57 -9.61 -10.18 3.99
N LYS A 58 -10.21 -11.20 4.59
CA LYS A 58 -10.60 -12.40 3.86
C LYS A 58 -11.76 -12.12 2.92
N GLN A 59 -11.46 -11.53 1.76
CA GLN A 59 -12.50 -11.14 0.83
C GLN A 59 -12.69 -12.19 -0.26
N ASP A 60 -13.88 -12.76 -0.32
CA ASP A 60 -14.27 -13.64 -1.41
C ASP A 60 -13.22 -14.73 -1.62
N GLY A 61 -12.83 -15.39 -0.53
CA GLY A 61 -12.01 -16.59 -0.61
C GLY A 61 -10.52 -16.23 -0.55
N MET A 62 -10.21 -14.96 -0.75
CA MET A 62 -8.82 -14.52 -0.86
C MET A 62 -8.50 -13.48 0.21
N ASP A 63 -7.21 -13.27 0.45
CA ASP A 63 -6.76 -12.26 1.40
C ASP A 63 -6.30 -11.00 0.70
N VAL A 64 -7.05 -9.91 0.91
CA VAL A 64 -6.75 -8.64 0.25
C VAL A 64 -6.06 -7.67 1.20
N LEU A 65 -4.83 -7.30 0.86
CA LEU A 65 -4.09 -6.32 1.65
C LEU A 65 -4.49 -4.91 1.29
N GLU A 66 -4.78 -4.09 2.31
CA GLU A 66 -5.23 -2.73 2.09
C GLU A 66 -4.36 -1.73 2.84
N LEU A 67 -3.86 -0.73 2.13
CA LEU A 67 -3.08 0.34 2.74
C LEU A 67 -3.76 1.69 2.57
N ASN A 68 -3.83 2.45 3.66
CA ASN A 68 -4.38 3.79 3.63
C ASN A 68 -3.38 4.82 4.16
N ILE A 69 -2.90 5.69 3.27
CA ILE A 69 -1.86 6.63 3.62
C ILE A 69 -2.33 8.07 3.45
N THR A 70 -2.44 8.79 4.56
CA THR A 70 -2.95 10.16 4.54
C THR A 70 -1.80 11.16 4.40
N LEU A 71 -1.82 11.92 3.30
CA LEU A 71 -0.82 12.93 3.07
C LEU A 71 -1.45 14.30 2.82
N ASP B 28 4.73 14.94 -13.18
CA ASP B 28 4.26 14.27 -11.97
C ASP B 28 4.94 12.92 -11.79
N TYR B 29 5.73 12.80 -10.72
CA TYR B 29 6.52 11.60 -10.48
C TYR B 29 5.92 10.76 -9.37
N LEU B 30 4.67 11.03 -9.03
CA LEU B 30 3.95 10.25 -8.03
C LEU B 30 3.59 8.87 -8.56
N PRO B 31 3.18 8.81 -9.82
CA PRO B 31 2.87 7.54 -10.47
C PRO B 31 4.04 6.58 -10.38
N THR B 32 5.26 7.12 -10.43
CA THR B 32 6.46 6.30 -10.40
C THR B 32 6.70 5.72 -9.01
N LEU B 33 6.37 6.51 -7.99
CA LEU B 33 6.37 6.01 -6.61
C LEU B 33 5.35 4.90 -6.43
N ARG B 34 4.19 5.06 -7.06
CA ARG B 34 3.16 4.02 -7.06
C ARG B 34 3.67 2.73 -7.68
N LYS B 35 4.35 2.86 -8.81
CA LYS B 35 4.94 1.72 -9.50
C LYS B 35 6.07 1.11 -8.68
N GLU B 36 6.81 1.96 -7.97
CA GLU B 36 7.84 1.51 -7.06
C GLU B 36 7.26 0.64 -5.95
N LEU B 37 6.11 1.06 -5.43
CA LEU B 37 5.40 0.27 -4.43
C LEU B 37 4.94 -1.06 -5.00
N MET B 38 4.50 -1.05 -6.25
CA MET B 38 4.13 -2.27 -6.94
C MET B 38 5.30 -3.25 -6.99
N GLU B 39 6.47 -2.74 -7.35
CA GLU B 39 7.69 -3.54 -7.33
C GLU B 39 7.93 -4.17 -5.96
N VAL B 40 7.76 -3.36 -4.92
CA VAL B 40 7.97 -3.83 -3.55
C VAL B 40 6.98 -4.93 -3.19
N LEU B 41 5.74 -4.77 -3.64
CA LEU B 41 4.70 -5.75 -3.36
C LEU B 41 4.96 -7.06 -4.10
N SER B 42 5.44 -6.95 -5.33
CA SER B 42 5.74 -8.13 -6.14
C SER B 42 6.92 -8.91 -5.56
N LYS B 43 7.64 -8.28 -4.64
CA LYS B 43 8.74 -8.94 -3.93
C LYS B 43 8.29 -9.47 -2.59
N TYR B 44 7.37 -8.77 -1.95
CA TYR B 44 6.89 -9.13 -0.62
C TYR B 44 5.87 -10.26 -0.71
N VAL B 45 4.76 -10.00 -1.40
CA VAL B 45 3.63 -10.92 -1.43
C VAL B 45 3.49 -11.58 -2.80
N ASN B 46 4.36 -11.20 -3.72
CA ASN B 46 4.46 -11.88 -5.01
C ASN B 46 3.15 -11.75 -5.80
N VAL B 47 2.40 -10.69 -5.51
CA VAL B 47 1.19 -10.39 -6.27
C VAL B 47 1.51 -9.55 -7.49
N SER B 48 0.72 -9.73 -8.55
CA SER B 48 1.06 -9.18 -9.86
C SER B 48 0.37 -7.85 -10.10
N LEU B 49 0.80 -7.15 -11.15
CA LEU B 49 0.26 -5.84 -11.46
C LEU B 49 -1.24 -5.90 -11.72
N ASP B 50 -1.68 -6.99 -12.32
CA ASP B 50 -3.09 -7.17 -12.64
C ASP B 50 -3.93 -7.26 -11.36
N ASN B 51 -3.28 -7.58 -10.25
CA ASN B 51 -3.97 -7.80 -8.99
C ASN B 51 -3.59 -6.74 -7.96
N ILE B 52 -3.04 -5.63 -8.44
CA ILE B 52 -2.71 -4.51 -7.57
C ILE B 52 -3.34 -3.21 -8.08
N ARG B 53 -4.08 -2.54 -7.22
CA ARG B 53 -4.70 -1.26 -7.56
C ARG B 53 -4.22 -0.15 -6.63
N ILE B 54 -3.68 0.91 -7.22
CA ILE B 54 -3.14 2.02 -6.44
C ILE B 54 -3.66 3.35 -6.97
N SER B 55 -4.19 4.18 -6.08
CA SER B 55 -4.77 5.46 -6.45
C SER B 55 -4.92 6.37 -5.25
N GLN B 56 -4.87 7.68 -5.50
CA GLN B 56 -5.07 8.67 -4.44
C GLN B 56 -6.41 9.37 -4.60
N GLU B 57 -7.00 9.77 -3.48
CA GLU B 57 -8.27 10.50 -3.49
C GLU B 57 -8.21 11.73 -2.61
N LYS B 58 -8.70 12.85 -3.13
CA LYS B 58 -8.77 14.09 -2.37
C LYS B 58 -9.81 14.00 -1.26
N GLN B 59 -9.43 13.36 -0.15
CA GLN B 59 -10.37 13.13 0.94
C GLN B 59 -10.21 14.19 2.03
N ASP B 60 -11.26 14.95 2.26
CA ASP B 60 -11.32 15.88 3.39
C ASP B 60 -10.08 16.77 3.42
N GLY B 61 -9.75 17.36 2.27
CA GLY B 61 -8.73 18.40 2.22
C GLY B 61 -7.35 17.80 1.93
N MET B 62 -7.24 16.49 2.10
CA MET B 62 -5.95 15.81 2.00
C MET B 62 -5.98 14.75 0.91
N ASP B 63 -4.80 14.32 0.48
CA ASP B 63 -4.68 13.26 -0.52
C ASP B 63 -4.34 11.93 0.12
N VAL B 64 -5.29 10.99 0.05
CA VAL B 64 -5.12 9.68 0.67
C VAL B 64 -4.76 8.61 -0.36
N LEU B 65 -3.57 8.03 -0.21
CA LEU B 65 -3.14 6.95 -1.09
C LEU B 65 -3.72 5.62 -0.65
N GLU B 66 -4.30 4.88 -1.60
CA GLU B 66 -4.94 3.62 -1.31
C GLU B 66 -4.38 2.50 -2.17
N LEU B 67 -3.96 1.41 -1.52
CA LEU B 67 -3.47 0.24 -2.23
C LEU B 67 -4.34 -0.98 -1.94
N ASN B 68 -4.71 -1.70 -3.00
CA ASN B 68 -5.47 -2.93 -2.86
C ASN B 68 -4.76 -4.10 -3.53
N ILE B 69 -4.30 -5.06 -2.71
CA ILE B 69 -3.50 -6.16 -3.21
C ILE B 69 -4.18 -7.50 -2.95
N THR B 70 -4.59 -8.17 -4.02
CA THR B 70 -5.31 -9.44 -3.90
C THR B 70 -4.35 -10.62 -3.92
N LEU B 71 -4.33 -11.38 -2.83
CA LEU B 71 -3.49 -12.56 -2.73
C LEU B 71 -4.31 -13.80 -2.37
N ASP A 28 3.49 -13.92 10.97
CA ASP A 28 4.80 -13.30 11.15
C ASP A 28 5.43 -12.94 9.81
N TYR A 29 4.83 -13.44 8.74
CA TYR A 29 5.37 -13.21 7.39
C TYR A 29 4.90 -11.88 6.82
N LEU A 30 3.59 -11.76 6.65
CA LEU A 30 3.01 -10.55 6.05
C LEU A 30 3.15 -9.36 6.99
N PRO A 31 2.88 -9.59 8.27
CA PRO A 31 3.02 -8.55 9.28
C PRO A 31 4.37 -7.85 9.17
N THR A 32 5.43 -8.64 8.94
CA THR A 32 6.77 -8.11 8.84
C THR A 32 6.95 -7.33 7.54
N LEU A 33 6.51 -7.92 6.43
CA LEU A 33 6.61 -7.27 5.13
C LEU A 33 5.83 -5.96 5.10
N ARG A 34 4.70 -5.93 5.81
CA ARG A 34 3.87 -4.74 5.86
C ARG A 34 4.53 -3.63 6.64
N LYS A 35 5.18 -3.99 7.74
CA LYS A 35 6.06 -3.07 8.46
C LYS A 35 7.14 -2.51 7.55
N GLU A 36 7.77 -3.41 6.78
CA GLU A 36 8.81 -3.00 5.84
C GLU A 36 8.27 -1.99 4.82
N LEU A 37 7.05 -2.22 4.36
CA LEU A 37 6.41 -1.32 3.41
C LEU A 37 6.21 0.06 4.02
N MET A 38 5.80 0.09 5.27
CA MET A 38 5.65 1.36 6.00
C MET A 38 6.96 2.12 6.06
N GLU A 39 8.05 1.40 6.32
CA GLU A 39 9.38 1.99 6.30
C GLU A 39 9.72 2.54 4.93
N VAL A 40 9.36 1.80 3.89
CA VAL A 40 9.57 2.24 2.51
C VAL A 40 8.82 3.53 2.24
N LEU A 41 7.64 3.67 2.82
CA LEU A 41 6.81 4.85 2.62
C LEU A 41 7.39 6.05 3.35
N SER A 42 8.01 5.80 4.49
CA SER A 42 8.69 6.86 5.25
C SER A 42 9.94 7.32 4.53
N LYS A 43 10.42 6.51 3.58
CA LYS A 43 11.53 6.90 2.72
C LYS A 43 11.02 7.54 1.43
N TYR A 44 9.89 7.04 0.93
CA TYR A 44 9.32 7.53 -0.31
C TYR A 44 8.65 8.88 -0.11
N VAL A 45 7.54 8.89 0.62
CA VAL A 45 6.71 10.07 0.76
C VAL A 45 6.82 10.68 2.15
N ASN A 46 7.60 10.03 3.01
CA ASN A 46 7.86 10.55 4.35
C ASN A 46 6.59 10.57 5.18
N VAL A 47 5.71 9.59 4.94
CA VAL A 47 4.47 9.47 5.69
C VAL A 47 4.73 9.05 7.13
N SER A 48 3.88 9.51 8.05
CA SER A 48 4.03 9.19 9.46
C SER A 48 3.10 8.05 9.87
N LEU A 49 3.35 7.48 11.04
CA LEU A 49 2.59 6.33 11.52
C LEU A 49 1.11 6.67 11.64
N ASP A 50 0.81 7.86 12.13
CA ASP A 50 -0.57 8.30 12.33
C ASP A 50 -1.29 8.43 11.00
N ASN A 51 -0.53 8.54 9.92
CA ASN A 51 -1.11 8.75 8.59
C ASN A 51 -1.12 7.44 7.80
N ILE A 52 -0.90 6.33 8.49
CA ILE A 52 -0.98 5.02 7.87
C ILE A 52 -2.09 4.18 8.48
N ARG A 53 -2.99 3.69 7.62
CA ARG A 53 -3.96 2.68 8.03
C ARG A 53 -3.79 1.41 7.21
N ILE A 54 -3.66 0.27 7.90
CA ILE A 54 -3.53 -1.02 7.25
C ILE A 54 -4.48 -2.04 7.84
N SER A 55 -5.21 -2.74 6.97
CA SER A 55 -6.17 -3.75 7.41
C SER A 55 -6.16 -4.96 6.48
N GLN A 56 -6.34 -6.14 7.04
CA GLN A 56 -6.49 -7.36 6.25
C GLN A 56 -7.86 -7.99 6.46
N GLU A 57 -8.55 -8.27 5.37
CA GLU A 57 -9.92 -8.77 5.43
C GLU A 57 -10.12 -9.97 4.51
N LYS A 58 -11.04 -10.84 4.87
CA LYS A 58 -11.44 -11.94 4.01
C LYS A 58 -12.47 -11.48 2.97
N GLN A 59 -12.13 -11.66 1.70
CA GLN A 59 -13.00 -11.23 0.61
C GLN A 59 -12.90 -12.17 -0.58
N ASP A 60 -14.00 -12.83 -0.90
CA ASP A 60 -14.09 -13.63 -2.12
C ASP A 60 -13.10 -14.78 -2.11
N GLY A 61 -12.85 -15.32 -0.92
CA GLY A 61 -12.05 -16.53 -0.79
C GLY A 61 -10.56 -16.20 -0.72
N MET A 62 -10.23 -14.91 -0.80
CA MET A 62 -8.85 -14.47 -0.82
C MET A 62 -8.55 -13.50 0.32
N ASP A 63 -7.28 -13.32 0.61
CA ASP A 63 -6.85 -12.33 1.60
C ASP A 63 -6.49 -11.01 0.95
N VAL A 64 -7.19 -9.95 1.36
CA VAL A 64 -6.97 -8.63 0.78
C VAL A 64 -6.36 -7.67 1.80
N LEU A 65 -5.18 -7.15 1.47
CA LEU A 65 -4.56 -6.10 2.27
C LEU A 65 -4.98 -4.71 1.79
N GLU A 66 -5.34 -3.85 2.73
CA GLU A 66 -5.75 -2.49 2.40
C GLU A 66 -4.83 -1.46 3.06
N LEU A 67 -4.21 -0.63 2.24
CA LEU A 67 -3.31 0.41 2.74
C LEU A 67 -3.81 1.80 2.38
N ASN A 68 -3.94 2.65 3.39
CA ASN A 68 -4.41 4.02 3.19
C ASN A 68 -3.36 5.03 3.61
N ILE A 69 -2.83 5.78 2.63
CA ILE A 69 -1.78 6.75 2.89
C ILE A 69 -2.33 8.17 2.85
N THR A 70 -2.31 8.84 4.00
CA THR A 70 -2.79 10.21 4.10
C THR A 70 -1.65 11.21 3.91
N LEU A 71 -1.73 12.00 2.84
CA LEU A 71 -0.71 13.00 2.55
C LEU A 71 -1.30 14.40 2.54
N ASP B 28 4.12 13.25 -11.56
CA ASP B 28 5.26 12.42 -11.93
C ASP B 28 6.02 11.94 -10.70
N TYR B 29 5.68 12.52 -9.55
CA TYR B 29 6.38 12.19 -8.30
C TYR B 29 5.77 10.95 -7.65
N LEU B 30 4.50 11.05 -7.27
CA LEU B 30 3.83 9.96 -6.58
C LEU B 30 3.61 8.76 -7.51
N PRO B 31 3.20 9.06 -8.74
CA PRO B 31 3.00 8.02 -9.75
C PRO B 31 4.21 7.10 -9.83
N THR B 32 5.40 7.69 -9.78
CA THR B 32 6.64 6.93 -9.87
C THR B 32 6.88 6.12 -8.61
N LEU B 33 6.72 6.76 -7.45
CA LEU B 33 6.90 6.09 -6.18
C LEU B 33 5.93 4.93 -6.01
N ARG B 34 4.72 5.11 -6.54
CA ARG B 34 3.69 4.08 -6.44
C ARG B 34 4.02 2.88 -7.30
N LYS B 35 4.55 3.14 -8.49
CA LYS B 35 5.13 2.09 -9.32
C LYS B 35 6.23 1.35 -8.58
N GLU B 36 7.11 2.11 -7.93
CA GLU B 36 8.20 1.51 -7.15
C GLU B 36 7.66 0.60 -6.05
N LEU B 37 6.58 1.03 -5.41
CA LEU B 37 5.95 0.24 -4.37
C LEU B 37 5.42 -1.08 -4.92
N MET B 38 4.83 -1.02 -6.10
CA MET B 38 4.35 -2.23 -6.78
C MET B 38 5.48 -3.21 -7.03
N GLU B 39 6.63 -2.68 -7.45
CA GLU B 39 7.83 -3.49 -7.63
C GLU B 39 8.27 -4.11 -6.32
N VAL B 40 8.21 -3.33 -5.24
CA VAL B 40 8.55 -3.82 -3.91
C VAL B 40 7.63 -4.97 -3.51
N LEU B 41 6.37 -4.89 -3.90
CA LEU B 41 5.39 -5.92 -3.56
C LEU B 41 5.64 -7.19 -4.36
N SER B 42 6.11 -7.03 -5.58
CA SER B 42 6.47 -8.18 -6.42
C SER B 42 7.72 -8.86 -5.89
N LYS B 43 8.47 -8.16 -5.04
CA LYS B 43 9.61 -8.75 -4.35
C LYS B 43 9.21 -9.31 -2.99
N TYR B 44 8.27 -8.63 -2.33
CA TYR B 44 7.82 -9.03 -1.01
C TYR B 44 6.91 -10.24 -1.09
N VAL B 45 5.71 -10.05 -1.65
CA VAL B 45 4.68 -11.07 -1.64
C VAL B 45 4.47 -11.66 -3.02
N ASN B 46 5.21 -11.15 -4.00
CA ASN B 46 5.17 -11.69 -5.36
C ASN B 46 3.80 -11.47 -5.98
N VAL B 47 3.15 -10.37 -5.62
CA VAL B 47 1.85 -10.03 -6.18
C VAL B 47 1.95 -9.63 -7.65
N SER B 48 0.91 -9.93 -8.42
CA SER B 48 0.90 -9.62 -9.84
C SER B 48 0.12 -8.33 -10.12
N LEU B 49 0.29 -7.80 -11.32
CA LEU B 49 -0.33 -6.53 -11.69
C LEU B 49 -1.84 -6.60 -11.58
N ASP B 50 -2.42 -7.72 -12.00
CA ASP B 50 -3.86 -7.91 -11.99
C ASP B 50 -4.39 -7.94 -10.56
N ASN B 51 -3.50 -8.19 -9.61
CA ASN B 51 -3.90 -8.31 -8.21
C ASN B 51 -3.56 -7.03 -7.44
N ILE B 52 -3.27 -5.97 -8.17
CA ILE B 52 -3.01 -4.67 -7.56
C ILE B 52 -4.05 -3.64 -8.00
N ARG B 53 -4.71 -3.02 -7.03
CA ARG B 53 -5.54 -1.85 -7.29
C ARG B 53 -5.03 -0.64 -6.53
N ILE B 54 -4.82 0.47 -7.25
CA ILE B 54 -4.37 1.71 -6.64
C ILE B 54 -5.21 2.89 -7.09
N SER B 55 -5.66 3.69 -6.13
CA SER B 55 -6.48 4.86 -6.43
C SER B 55 -6.13 6.03 -5.53
N GLN B 56 -6.19 7.24 -6.07
CA GLN B 56 -6.00 8.45 -5.28
C GLN B 56 -7.26 9.31 -5.29
N GLU B 57 -7.71 9.69 -4.11
CA GLU B 57 -8.97 10.42 -3.97
C GLU B 57 -8.81 11.62 -3.05
N LYS B 58 -9.62 12.65 -3.27
CA LYS B 58 -9.69 13.79 -2.37
C LYS B 58 -10.61 13.50 -1.19
N GLN B 59 -10.05 13.60 0.01
CA GLN B 59 -10.81 13.31 1.23
C GLN B 59 -10.36 14.20 2.38
N ASP B 60 -11.27 15.04 2.85
CA ASP B 60 -11.04 15.82 4.06
C ASP B 60 -9.88 16.79 3.89
N GLY B 61 -9.72 17.29 2.67
CA GLY B 61 -8.75 18.35 2.40
C GLY B 61 -7.37 17.77 2.11
N MET B 62 -7.27 16.44 2.15
CA MET B 62 -5.99 15.77 1.97
C MET B 62 -6.04 14.78 0.81
N ASP B 63 -4.88 14.38 0.33
CA ASP B 63 -4.79 13.35 -0.70
C ASP B 63 -4.57 11.98 -0.09
N VAL B 64 -5.48 11.06 -0.38
CA VAL B 64 -5.42 9.71 0.17
C VAL B 64 -5.14 8.68 -0.91
N LEU B 65 -4.03 7.96 -0.76
CA LEU B 65 -3.74 6.83 -1.62
C LEU B 65 -4.31 5.53 -1.07
N GLU B 66 -4.95 4.75 -1.93
CA GLU B 66 -5.53 3.48 -1.53
C GLU B 66 -4.92 2.32 -2.30
N LEU B 67 -4.33 1.37 -1.58
CA LEU B 67 -3.71 0.21 -2.20
C LEU B 67 -4.39 -1.08 -1.75
N ASN B 68 -4.81 -1.88 -2.71
CA ASN B 68 -5.48 -3.16 -2.42
C ASN B 68 -4.68 -4.33 -2.98
N ILE B 69 -4.16 -5.17 -2.09
CA ILE B 69 -3.34 -6.31 -2.49
C ILE B 69 -4.11 -7.61 -2.35
N THR B 70 -4.38 -8.26 -3.49
CA THR B 70 -5.10 -9.52 -3.49
C THR B 70 -4.13 -10.71 -3.46
N LEU B 71 -4.19 -11.48 -2.38
CA LEU B 71 -3.32 -12.65 -2.23
C LEU B 71 -4.14 -13.93 -2.12
N ASP A 28 3.37 -14.24 11.12
CA ASP A 28 4.76 -13.83 11.29
C ASP A 28 5.35 -13.32 9.99
N TYR A 29 4.75 -13.73 8.87
CA TYR A 29 5.27 -13.40 7.55
C TYR A 29 4.81 -12.03 7.10
N LEU A 30 3.49 -11.88 6.95
CA LEU A 30 2.91 -10.64 6.43
C LEU A 30 3.05 -9.50 7.42
N PRO A 31 2.81 -9.81 8.70
CA PRO A 31 2.96 -8.82 9.76
C PRO A 31 4.31 -8.14 9.70
N THR A 32 5.35 -8.92 9.41
CA THR A 32 6.69 -8.38 9.24
C THR A 32 6.77 -7.50 8.00
N LEU A 33 6.23 -7.99 6.89
CA LEU A 33 6.20 -7.23 5.65
C LEU A 33 5.36 -5.97 5.80
N ARG A 34 4.37 -6.02 6.69
CA ARG A 34 3.52 -4.87 6.97
C ARG A 34 4.34 -3.69 7.49
N LYS A 35 5.18 -3.95 8.49
CA LYS A 35 6.09 -2.95 8.99
C LYS A 35 7.02 -2.44 7.90
N GLU A 36 7.53 -3.37 7.09
CA GLU A 36 8.42 -3.02 5.99
C GLU A 36 7.73 -2.08 5.01
N LEU A 37 6.46 -2.34 4.74
CA LEU A 37 5.68 -1.51 3.82
C LEU A 37 5.47 -0.11 4.38
N MET A 38 5.26 -0.03 5.69
CA MET A 38 5.13 1.26 6.35
C MET A 38 6.40 2.08 6.21
N GLU A 39 7.55 1.43 6.35
CA GLU A 39 8.84 2.06 6.10
C GLU A 39 8.92 2.61 4.68
N VAL A 40 8.54 1.79 3.71
CA VAL A 40 8.61 2.18 2.31
C VAL A 40 7.75 3.42 2.04
N LEU A 41 6.55 3.44 2.61
CA LEU A 41 5.62 4.53 2.40
C LEU A 41 6.07 5.79 3.12
N SER A 42 6.63 5.62 4.31
CA SER A 42 7.19 6.73 5.07
C SER A 42 8.31 7.42 4.29
N LYS A 43 9.07 6.63 3.53
CA LYS A 43 10.23 7.15 2.81
C LYS A 43 9.82 7.69 1.44
N TYR A 44 8.77 7.12 0.88
CA TYR A 44 8.28 7.54 -0.44
C TYR A 44 7.46 8.82 -0.34
N VAL A 45 6.39 8.77 0.42
CA VAL A 45 5.44 9.88 0.49
C VAL A 45 5.86 10.89 1.56
N ASN A 46 6.90 10.55 2.32
CA ASN A 46 7.40 11.42 3.36
C ASN A 46 6.38 11.61 4.47
N VAL A 47 5.54 10.59 4.68
CA VAL A 47 4.66 10.54 5.84
C VAL A 47 5.32 9.84 7.00
N SER A 48 4.71 9.95 8.18
CA SER A 48 5.15 9.21 9.35
C SER A 48 4.36 7.92 9.51
N LEU A 49 4.81 7.06 10.42
CA LEU A 49 4.16 5.77 10.65
C LEU A 49 2.72 5.96 11.12
N ASP A 50 2.48 7.02 11.88
CA ASP A 50 1.16 7.30 12.42
C ASP A 50 0.18 7.68 11.31
N ASN A 51 0.72 8.04 10.15
CA ASN A 51 -0.09 8.46 9.02
C ASN A 51 -0.31 7.31 8.04
N ILE A 52 0.07 6.11 8.46
CA ILE A 52 -0.09 4.93 7.62
C ILE A 52 -1.00 3.90 8.28
N ARG A 53 -1.96 3.39 7.52
CA ARG A 53 -2.82 2.32 8.00
C ARG A 53 -2.80 1.13 7.03
N ILE A 54 -2.49 -0.05 7.56
CA ILE A 54 -2.50 -1.27 6.76
C ILE A 54 -3.39 -2.33 7.40
N SER A 55 -4.30 -2.88 6.60
CA SER A 55 -5.31 -3.80 7.11
C SER A 55 -5.35 -5.08 6.29
N GLN A 56 -5.67 -6.19 6.94
CA GLN A 56 -5.78 -7.47 6.27
C GLN A 56 -7.17 -8.08 6.46
N GLU A 57 -7.85 -8.36 5.35
CA GLU A 57 -9.23 -8.81 5.39
C GLU A 57 -9.51 -9.84 4.30
N LYS A 58 -10.34 -10.83 4.63
CA LYS A 58 -10.68 -11.88 3.68
C LYS A 58 -12.07 -11.66 3.09
N GLN A 59 -12.14 -11.54 1.77
CA GLN A 59 -13.39 -11.27 1.09
C GLN A 59 -13.49 -12.05 -0.22
N ASP A 60 -14.65 -12.66 -0.45
CA ASP A 60 -14.88 -13.41 -1.67
C ASP A 60 -13.90 -14.57 -1.80
N GLY A 61 -13.42 -15.06 -0.67
CA GLY A 61 -12.54 -16.23 -0.65
C GLY A 61 -11.07 -15.83 -0.74
N MET A 62 -10.83 -14.55 -1.02
CA MET A 62 -9.48 -14.06 -1.25
C MET A 62 -9.00 -13.22 -0.07
N ASP A 63 -7.70 -13.23 0.16
CA ASP A 63 -7.10 -12.44 1.22
C ASP A 63 -6.48 -11.16 0.67
N VAL A 64 -7.08 -10.02 1.01
CA VAL A 64 -6.71 -8.75 0.39
C VAL A 64 -6.12 -7.80 1.42
N LEU A 65 -4.95 -7.24 1.10
CA LEU A 65 -4.34 -6.21 1.93
C LEU A 65 -4.77 -4.82 1.49
N GLU A 66 -4.94 -3.93 2.47
CA GLU A 66 -5.35 -2.56 2.19
C GLU A 66 -4.44 -1.56 2.90
N LEU A 67 -3.83 -0.67 2.14
CA LEU A 67 -2.97 0.36 2.71
C LEU A 67 -3.53 1.75 2.46
N ASN A 68 -3.53 2.59 3.49
CA ASN A 68 -4.03 3.96 3.38
C ASN A 68 -2.99 4.96 3.85
N ILE A 69 -2.64 5.90 2.99
CA ILE A 69 -1.63 6.90 3.29
C ILE A 69 -2.19 8.31 3.23
N THR A 70 -2.23 8.99 4.38
CA THR A 70 -2.79 10.32 4.47
C THR A 70 -1.71 11.39 4.29
N LEU A 71 -1.86 12.19 3.24
CA LEU A 71 -0.92 13.28 2.98
C LEU A 71 -1.63 14.63 2.94
N ASP B 28 4.04 13.60 -11.69
CA ASP B 28 5.29 12.95 -12.07
C ASP B 28 5.98 12.33 -10.86
N TYR B 29 5.64 12.82 -9.68
CA TYR B 29 6.29 12.38 -8.45
C TYR B 29 5.67 11.11 -7.91
N LEU B 30 4.38 11.19 -7.56
CA LEU B 30 3.69 10.07 -6.94
C LEU B 30 3.47 8.93 -7.93
N PRO B 31 3.10 9.29 -9.16
CA PRO B 31 2.91 8.31 -10.21
C PRO B 31 4.12 7.40 -10.35
N THR B 32 5.31 7.99 -10.23
CA THR B 32 6.54 7.22 -10.26
C THR B 32 6.66 6.32 -9.04
N LEU B 33 6.39 6.89 -7.86
CA LEU B 33 6.42 6.12 -6.62
C LEU B 33 5.36 5.03 -6.63
N ARG B 34 4.27 5.27 -7.36
CA ARG B 34 3.20 4.28 -7.49
C ARG B 34 3.71 2.99 -8.11
N LYS B 35 4.42 3.11 -9.23
CA LYS B 35 5.06 1.97 -9.86
C LYS B 35 6.05 1.30 -8.91
N GLU B 36 6.83 2.11 -8.21
CA GLU B 36 7.80 1.60 -7.25
C GLU B 36 7.11 0.78 -6.16
N LEU B 37 5.96 1.25 -5.70
CA LEU B 37 5.21 0.56 -4.66
C LEU B 37 4.68 -0.77 -5.16
N MET B 38 4.26 -0.80 -6.42
CA MET B 38 3.81 -2.04 -7.05
C MET B 38 4.92 -3.07 -7.08
N GLU B 39 6.14 -2.62 -7.41
CA GLU B 39 7.32 -3.47 -7.35
C GLU B 39 7.51 -4.05 -5.95
N VAL B 40 7.44 -3.19 -4.94
CA VAL B 40 7.65 -3.60 -3.56
C VAL B 40 6.64 -4.67 -3.15
N LEU B 41 5.39 -4.48 -3.54
CA LEU B 41 4.32 -5.40 -3.16
C LEU B 41 4.44 -6.71 -3.93
N SER B 42 4.83 -6.62 -5.19
CA SER B 42 5.07 -7.80 -6.02
C SER B 42 6.15 -8.68 -5.41
N LYS B 43 7.14 -8.05 -4.78
CA LYS B 43 8.29 -8.77 -4.24
C LYS B 43 8.01 -9.25 -2.82
N TYR B 44 7.17 -8.51 -2.11
CA TYR B 44 6.82 -8.86 -0.73
C TYR B 44 5.79 -9.98 -0.69
N VAL B 45 4.64 -9.74 -1.28
CA VAL B 45 3.52 -10.67 -1.18
C VAL B 45 3.58 -11.71 -2.29
N ASN B 46 4.54 -11.55 -3.21
CA ASN B 46 4.72 -12.48 -4.30
C ASN B 46 3.52 -12.47 -5.23
N VAL B 47 2.85 -11.33 -5.33
CA VAL B 47 1.82 -11.11 -6.34
C VAL B 47 2.41 -10.52 -7.60
N SER B 48 1.62 -10.51 -8.67
CA SER B 48 2.00 -9.83 -9.91
C SER B 48 1.43 -8.43 -9.95
N LEU B 49 1.87 -7.65 -10.93
CA LEU B 49 1.43 -6.26 -11.08
C LEU B 49 -0.08 -6.19 -11.32
N ASP B 50 -0.61 -7.18 -12.02
CA ASP B 50 -2.03 -7.22 -12.35
C ASP B 50 -2.88 -7.45 -11.11
N ASN B 51 -2.23 -7.90 -10.04
CA ASN B 51 -2.92 -8.19 -8.79
C ASN B 51 -2.79 -7.04 -7.80
N ILE B 52 -2.27 -5.92 -8.29
CA ILE B 52 -2.10 -4.74 -7.45
C ILE B 52 -2.91 -3.56 -7.98
N ARG B 53 -3.64 -2.90 -7.09
CA ARG B 53 -4.37 -1.69 -7.44
C ARG B 53 -3.99 -0.54 -6.50
N ILE B 54 -3.57 0.58 -7.09
CA ILE B 54 -3.24 1.77 -6.32
C ILE B 54 -4.02 2.98 -6.82
N SER B 55 -4.70 3.66 -5.90
CA SER B 55 -5.59 4.75 -6.27
C SER B 55 -5.29 6.01 -5.47
N GLN B 56 -5.51 7.17 -6.08
CA GLN B 56 -5.30 8.44 -5.41
C GLN B 56 -6.57 9.28 -5.40
N GLU B 57 -7.01 9.66 -4.20
CA GLU B 57 -8.29 10.34 -4.04
C GLU B 57 -8.21 11.39 -2.93
N LYS B 58 -8.90 12.51 -3.14
CA LYS B 58 -8.90 13.59 -2.17
C LYS B 58 -10.21 13.60 -1.36
N GLN B 59 -10.09 13.48 -0.05
CA GLN B 59 -11.26 13.42 0.82
C GLN B 59 -11.02 14.19 2.11
N ASP B 60 -12.01 14.99 2.51
CA ASP B 60 -11.91 15.76 3.74
C ASP B 60 -10.73 16.73 3.71
N GLY B 61 -10.36 17.14 2.51
CA GLY B 61 -9.31 18.14 2.34
C GLY B 61 -7.93 17.49 2.21
N MET B 62 -7.88 16.19 2.47
CA MET B 62 -6.61 15.47 2.49
C MET B 62 -6.47 14.57 1.27
N ASP B 63 -5.23 14.36 0.84
CA ASP B 63 -4.95 13.49 -0.29
C ASP B 63 -4.48 12.12 0.18
N VAL B 64 -5.31 11.10 -0.05
CA VAL B 64 -5.08 9.78 0.52
C VAL B 64 -4.83 8.75 -0.57
N LEU B 65 -3.73 8.00 -0.43
CA LEU B 65 -3.45 6.89 -1.33
C LEU B 65 -4.04 5.59 -0.81
N GLU B 66 -4.51 4.75 -1.74
CA GLU B 66 -5.10 3.47 -1.38
C GLU B 66 -4.50 2.34 -2.21
N LEU B 67 -3.94 1.35 -1.54
CA LEU B 67 -3.36 0.19 -2.22
C LEU B 67 -4.11 -1.09 -1.87
N ASN B 68 -4.41 -1.90 -2.88
CA ASN B 68 -5.12 -3.16 -2.67
C ASN B 68 -4.36 -4.32 -3.29
N ILE B 69 -4.05 -5.32 -2.47
CA ILE B 69 -3.28 -6.47 -2.91
C ILE B 69 -4.06 -7.77 -2.75
N THR B 70 -4.39 -8.41 -3.87
CA THR B 70 -5.17 -9.62 -3.85
C THR B 70 -4.28 -10.86 -3.82
N LEU B 71 -4.41 -11.65 -2.76
CA LEU B 71 -3.64 -12.88 -2.62
C LEU B 71 -4.56 -14.09 -2.46
N ASP A 28 2.96 -14.01 11.14
CA ASP A 28 4.30 -13.51 11.40
C ASP A 28 5.00 -13.11 10.10
N TYR A 29 4.48 -13.60 8.98
CA TYR A 29 5.09 -13.37 7.68
C TYR A 29 4.62 -12.05 7.08
N LEU A 30 3.32 -11.96 6.82
CA LEU A 30 2.76 -10.80 6.17
C LEU A 30 2.79 -9.58 7.07
N PRO A 31 2.47 -9.78 8.35
CA PRO A 31 2.53 -8.72 9.35
C PRO A 31 3.88 -8.00 9.30
N THR A 32 4.94 -8.78 9.13
CA THR A 32 6.29 -8.21 9.03
C THR A 32 6.48 -7.42 7.74
N LEU A 33 6.03 -8.01 6.63
CA LEU A 33 6.10 -7.34 5.33
C LEU A 33 5.26 -6.07 5.32
N ARG A 34 4.17 -6.08 6.08
CA ARG A 34 3.31 -4.91 6.20
C ARG A 34 4.02 -3.77 6.91
N LYS A 35 4.75 -4.10 7.97
CA LYS A 35 5.60 -3.14 8.65
C LYS A 35 6.70 -2.64 7.73
N GLU A 36 7.24 -3.53 6.91
CA GLU A 36 8.25 -3.15 5.93
C GLU A 36 7.70 -2.14 4.93
N LEU A 37 6.43 -2.33 4.55
CA LEU A 37 5.77 -1.41 3.63
C LEU A 37 5.63 -0.03 4.25
N MET A 38 5.37 0.01 5.55
CA MET A 38 5.31 1.27 6.28
C MET A 38 6.63 2.03 6.18
N GLU A 39 7.74 1.32 6.37
CA GLU A 39 9.06 1.89 6.17
C GLU A 39 9.22 2.44 4.76
N VAL A 40 8.80 1.66 3.78
CA VAL A 40 8.93 2.06 2.37
C VAL A 40 8.18 3.36 2.11
N LEU A 41 7.00 3.49 2.69
CA LEU A 41 6.17 4.67 2.51
C LEU A 41 6.81 5.89 3.18
N SER A 42 7.43 5.67 4.34
CA SER A 42 8.08 6.74 5.07
C SER A 42 9.33 7.22 4.33
N LYS A 43 9.83 6.39 3.43
CA LYS A 43 10.97 6.76 2.60
C LYS A 43 10.53 7.38 1.28
N TYR A 44 9.43 6.88 0.74
CA TYR A 44 8.90 7.37 -0.52
C TYR A 44 8.27 8.75 -0.36
N VAL A 45 7.14 8.80 0.31
CA VAL A 45 6.33 10.01 0.39
C VAL A 45 6.52 10.72 1.73
N ASN A 46 7.41 10.17 2.55
CA ASN A 46 7.76 10.80 3.82
C ASN A 46 6.55 10.95 4.73
N VAL A 47 5.58 10.05 4.56
CA VAL A 47 4.42 10.01 5.42
C VAL A 47 4.77 9.50 6.82
N SER A 48 4.00 9.93 7.81
CA SER A 48 4.24 9.52 9.20
C SER A 48 3.59 8.18 9.50
N LEU A 49 4.20 7.42 10.40
CA LEU A 49 3.73 6.07 10.71
C LEU A 49 2.29 6.10 11.22
N ASP A 50 1.98 7.09 12.06
CA ASP A 50 0.62 7.27 12.56
C ASP A 50 -0.35 7.56 11.42
N ASN A 51 0.17 8.06 10.31
CA ASN A 51 -0.66 8.41 9.17
C ASN A 51 -0.69 7.28 8.15
N ILE A 52 -0.23 6.10 8.56
CA ILE A 52 -0.37 4.90 7.75
C ILE A 52 -1.33 3.91 8.39
N ARG A 53 -2.34 3.50 7.63
CA ARG A 53 -3.28 2.48 8.08
C ARG A 53 -3.27 1.28 7.16
N ILE A 54 -2.94 0.12 7.71
CA ILE A 54 -2.88 -1.12 6.94
C ILE A 54 -3.82 -2.17 7.51
N SER A 55 -4.64 -2.76 6.65
CA SER A 55 -5.66 -3.70 7.08
C SER A 55 -5.57 -5.01 6.32
N GLN A 56 -5.82 -6.11 7.01
CA GLN A 56 -5.80 -7.43 6.38
C GLN A 56 -7.10 -8.19 6.67
N GLU A 57 -7.75 -8.65 5.61
CA GLU A 57 -9.02 -9.36 5.75
C GLU A 57 -9.22 -10.36 4.62
N LYS A 58 -10.17 -11.27 4.80
CA LYS A 58 -10.46 -12.28 3.79
C LYS A 58 -11.86 -12.10 3.23
N GLN A 59 -11.94 -11.66 1.98
CA GLN A 59 -13.22 -11.33 1.35
C GLN A 59 -13.34 -11.96 -0.03
N ASP A 60 -14.48 -12.60 -0.28
CA ASP A 60 -14.71 -13.28 -1.55
C ASP A 60 -13.70 -14.39 -1.78
N GLY A 61 -13.20 -14.96 -0.69
CA GLY A 61 -12.34 -16.14 -0.78
C GLY A 61 -10.86 -15.76 -0.72
N MET A 62 -10.58 -14.49 -1.04
CA MET A 62 -9.20 -14.03 -1.18
C MET A 62 -8.77 -13.22 0.03
N ASP A 63 -7.47 -13.21 0.30
CA ASP A 63 -6.92 -12.42 1.39
C ASP A 63 -6.36 -11.10 0.88
N VAL A 64 -7.02 -10.00 1.23
CA VAL A 64 -6.73 -8.71 0.63
C VAL A 64 -6.08 -7.76 1.63
N LEU A 65 -4.91 -7.23 1.28
CA LEU A 65 -4.28 -6.18 2.06
C LEU A 65 -4.71 -4.80 1.57
N GLU A 66 -4.90 -3.88 2.51
CA GLU A 66 -5.20 -2.50 2.17
C GLU A 66 -4.27 -1.53 2.89
N LEU A 67 -3.65 -0.63 2.13
CA LEU A 67 -2.83 0.43 2.72
C LEU A 67 -3.45 1.80 2.47
N ASN A 68 -3.55 2.60 3.53
CA ASN A 68 -4.07 3.96 3.41
C ASN A 68 -3.03 4.98 3.83
N ILE A 69 -2.68 5.87 2.91
CA ILE A 69 -1.64 6.87 3.16
C ILE A 69 -2.19 8.28 3.06
N THR A 70 -2.22 8.98 4.18
CA THR A 70 -2.76 10.33 4.22
C THR A 70 -1.65 11.36 4.02
N LEU A 71 -1.73 12.10 2.91
CA LEU A 71 -0.75 13.12 2.60
C LEU A 71 -1.37 14.51 2.60
N ASP B 28 3.60 13.43 -11.65
CA ASP B 28 4.78 12.72 -12.10
C ASP B 28 5.59 12.19 -10.92
N TYR B 29 5.34 12.75 -9.74
CA TYR B 29 6.09 12.40 -8.54
C TYR B 29 5.49 11.17 -7.87
N LEU B 30 4.25 11.30 -7.41
CA LEU B 30 3.60 10.24 -6.66
C LEU B 30 3.29 9.05 -7.54
N PRO B 31 2.82 9.32 -8.76
CA PRO B 31 2.54 8.28 -9.74
C PRO B 31 3.73 7.34 -9.89
N THR B 32 4.93 7.91 -9.89
CA THR B 32 6.16 7.12 -9.99
C THR B 32 6.40 6.30 -8.74
N LEU B 33 6.23 6.94 -7.58
CA LEU B 33 6.39 6.25 -6.30
C LEU B 33 5.35 5.14 -6.14
N ARG B 34 4.18 5.35 -6.72
CA ARG B 34 3.13 4.35 -6.69
C ARG B 34 3.51 3.12 -7.49
N LYS B 35 4.11 3.33 -8.66
CA LYS B 35 4.67 2.24 -9.45
C LYS B 35 5.80 1.55 -8.70
N GLU B 36 6.60 2.32 -7.98
CA GLU B 36 7.67 1.76 -7.16
C GLU B 36 7.11 0.85 -6.07
N LEU B 37 5.97 1.25 -5.51
CA LEU B 37 5.30 0.44 -4.49
C LEU B 37 4.84 -0.89 -5.06
N MET B 38 4.37 -0.87 -6.30
CA MET B 38 3.99 -2.08 -7.00
C MET B 38 5.16 -3.06 -7.09
N GLU B 39 6.33 -2.55 -7.45
CA GLU B 39 7.55 -3.34 -7.45
C GLU B 39 7.83 -3.93 -6.08
N VAL B 40 7.71 -3.10 -5.05
CA VAL B 40 7.98 -3.54 -3.68
C VAL B 40 7.06 -4.69 -3.29
N LEU B 41 5.80 -4.60 -3.68
CA LEU B 41 4.82 -5.64 -3.36
C LEU B 41 5.13 -6.93 -4.10
N SER B 42 5.59 -6.81 -5.35
CA SER B 42 5.93 -7.97 -6.15
C SER B 42 7.18 -8.67 -5.61
N LYS B 43 7.94 -7.95 -4.80
CA LYS B 43 9.12 -8.51 -4.15
C LYS B 43 8.78 -9.07 -2.78
N TYR B 44 7.88 -8.39 -2.08
CA TYR B 44 7.47 -8.80 -0.74
C TYR B 44 6.59 -10.05 -0.79
N VAL B 45 5.38 -9.89 -1.28
CA VAL B 45 4.38 -10.95 -1.21
C VAL B 45 4.23 -11.65 -2.56
N ASN B 46 5.07 -11.26 -3.52
CA ASN B 46 5.11 -11.92 -4.81
C ASN B 46 3.76 -11.85 -5.52
N VAL B 47 3.00 -10.80 -5.22
CA VAL B 47 1.74 -10.55 -5.90
C VAL B 47 1.97 -10.09 -7.34
N SER B 48 0.99 -10.36 -8.20
CA SER B 48 1.08 -9.99 -9.61
C SER B 48 0.63 -8.55 -9.83
N LEU B 49 1.22 -7.89 -10.82
CA LEU B 49 0.95 -6.48 -11.07
C LEU B 49 -0.54 -6.25 -11.36
N ASP B 50 -1.14 -7.17 -12.12
CA ASP B 50 -2.56 -7.11 -12.41
C ASP B 50 -3.38 -7.24 -11.14
N ASN B 51 -2.79 -7.83 -10.11
CA ASN B 51 -3.49 -8.04 -8.85
C ASN B 51 -3.17 -6.94 -7.86
N ILE B 52 -2.58 -5.86 -8.34
CA ILE B 52 -2.39 -4.66 -7.54
C ILE B 52 -3.25 -3.51 -8.04
N ARG B 53 -4.05 -2.95 -7.14
CA ARG B 53 -4.86 -1.77 -7.45
C ARG B 53 -4.49 -0.60 -6.56
N ILE B 54 -4.05 0.49 -7.17
CA ILE B 54 -3.67 1.69 -6.43
C ILE B 54 -4.48 2.90 -6.87
N SER B 55 -5.05 3.61 -5.90
CA SER B 55 -5.95 4.72 -6.18
C SER B 55 -5.52 5.98 -5.46
N GLN B 56 -5.68 7.12 -6.12
CA GLN B 56 -5.34 8.41 -5.52
C GLN B 56 -6.51 9.38 -5.62
N GLU B 57 -6.91 9.93 -4.48
CA GLU B 57 -8.04 10.85 -4.43
C GLU B 57 -7.90 11.85 -3.29
N LYS B 58 -8.68 12.91 -3.34
CA LYS B 58 -8.64 13.95 -2.32
C LYS B 58 -9.95 14.01 -1.54
N GLN B 59 -9.91 13.57 -0.29
CA GLN B 59 -11.11 13.46 0.53
C GLN B 59 -10.91 14.08 1.90
N ASP B 60 -11.88 14.91 2.31
CA ASP B 60 -11.79 15.59 3.60
C ASP B 60 -10.58 16.51 3.66
N GLY B 61 -10.16 17.00 2.50
CA GLY B 61 -9.11 18.01 2.43
C GLY B 61 -7.75 17.38 2.16
N MET B 62 -7.64 16.08 2.45
CA MET B 62 -6.35 15.39 2.38
C MET B 62 -6.26 14.53 1.13
N ASP B 63 -5.04 14.30 0.66
CA ASP B 63 -4.80 13.44 -0.48
C ASP B 63 -4.41 12.04 -0.05
N VAL B 64 -5.29 11.08 -0.28
CA VAL B 64 -5.15 9.75 0.28
C VAL B 64 -4.83 8.71 -0.79
N LEU B 65 -3.73 7.99 -0.61
CA LEU B 65 -3.41 6.85 -1.47
C LEU B 65 -3.99 5.56 -0.90
N GLU B 66 -4.48 4.70 -1.78
CA GLU B 66 -4.96 3.39 -1.39
C GLU B 66 -4.33 2.28 -2.23
N LEU B 67 -3.77 1.28 -1.56
CA LEU B 67 -3.24 0.10 -2.25
C LEU B 67 -4.04 -1.15 -1.89
N ASN B 68 -4.44 -1.90 -2.91
CA ASN B 68 -5.16 -3.15 -2.70
C ASN B 68 -4.39 -4.33 -3.26
N ILE B 69 -4.07 -5.28 -2.39
CA ILE B 69 -3.26 -6.44 -2.78
C ILE B 69 -4.03 -7.74 -2.58
N THR B 70 -4.35 -8.40 -3.67
CA THR B 70 -5.11 -9.65 -3.62
C THR B 70 -4.18 -10.85 -3.57
N LEU B 71 -4.21 -11.58 -2.45
CA LEU B 71 -3.38 -12.76 -2.28
C LEU B 71 -4.23 -14.02 -2.17
N ASP A 28 3.05 -13.55 11.42
CA ASP A 28 4.41 -14.02 11.17
C ASP A 28 4.92 -13.54 9.82
N TYR A 29 4.21 -13.90 8.76
CA TYR A 29 4.66 -13.65 7.40
C TYR A 29 4.12 -12.32 6.89
N LEU A 30 2.82 -12.28 6.61
CA LEU A 30 2.20 -11.10 6.00
C LEU A 30 2.27 -9.90 6.94
N PRO A 31 2.00 -10.14 8.22
CA PRO A 31 2.08 -9.09 9.23
C PRO A 31 3.41 -8.35 9.16
N THR A 32 4.49 -9.11 8.96
CA THR A 32 5.81 -8.53 8.79
C THR A 32 5.91 -7.73 7.51
N LEU A 33 5.40 -8.30 6.42
CA LEU A 33 5.40 -7.62 5.12
C LEU A 33 4.57 -6.35 5.16
N ARG A 34 3.53 -6.35 6.01
CA ARG A 34 2.68 -5.18 6.18
C ARG A 34 3.47 -4.05 6.86
N LYS A 35 4.25 -4.39 7.87
CA LYS A 35 5.14 -3.44 8.52
C LYS A 35 6.20 -2.93 7.55
N GLU A 36 6.71 -3.83 6.70
CA GLU A 36 7.67 -3.46 5.67
C GLU A 36 7.08 -2.43 4.72
N LEU A 37 5.81 -2.61 4.37
CA LEU A 37 5.11 -1.67 3.51
C LEU A 37 5.00 -0.30 4.17
N MET A 38 4.74 -0.29 5.47
CA MET A 38 4.68 0.94 6.23
C MET A 38 5.99 1.72 6.15
N GLU A 39 7.10 1.01 6.37
CA GLU A 39 8.42 1.61 6.29
C GLU A 39 8.66 2.22 4.91
N VAL A 40 8.42 1.43 3.87
CA VAL A 40 8.67 1.86 2.50
C VAL A 40 7.87 3.11 2.16
N LEU A 41 6.61 3.13 2.59
CA LEU A 41 5.71 4.24 2.29
C LEU A 41 6.11 5.49 3.06
N SER A 42 6.50 5.31 4.32
CA SER A 42 6.90 6.42 5.16
C SER A 42 8.15 7.10 4.61
N LYS A 43 8.96 6.34 3.89
CA LYS A 43 10.19 6.87 3.29
C LYS A 43 9.90 7.61 1.99
N TYR A 44 8.84 7.19 1.30
CA TYR A 44 8.46 7.81 0.04
C TYR A 44 7.98 9.24 0.26
N VAL A 45 7.19 9.45 1.30
CA VAL A 45 6.69 10.77 1.63
C VAL A 45 7.32 11.31 2.91
N ASN A 46 8.31 10.58 3.41
CA ASN A 46 9.15 11.08 4.49
C ASN A 46 8.32 11.45 5.72
N VAL A 47 7.35 10.60 6.05
CA VAL A 47 6.59 10.75 7.28
C VAL A 47 6.96 9.67 8.29
N SER A 48 6.21 9.59 9.37
CA SER A 48 6.44 8.58 10.40
C SER A 48 5.52 7.38 10.21
N LEU A 49 5.84 6.29 10.91
CA LEU A 49 5.06 5.06 10.79
C LEU A 49 3.63 5.27 11.28
N ASP A 50 3.42 6.27 12.12
CA ASP A 50 2.11 6.53 12.69
C ASP A 50 1.22 7.27 11.70
N ASN A 51 1.80 7.62 10.55
CA ASN A 51 1.04 8.30 9.49
C ASN A 51 0.53 7.31 8.46
N ILE A 52 0.80 6.03 8.70
CA ILE A 52 0.37 4.97 7.79
C ILE A 52 -0.61 4.02 8.46
N ARG A 53 -1.64 3.62 7.71
CA ARG A 53 -2.59 2.61 8.19
C ARG A 53 -2.73 1.47 7.19
N ILE A 54 -2.53 0.24 7.67
CA ILE A 54 -2.64 -0.93 6.82
C ILE A 54 -3.46 -2.02 7.51
N SER A 55 -4.39 -2.62 6.76
CA SER A 55 -5.33 -3.56 7.33
C SER A 55 -5.28 -4.90 6.59
N GLN A 56 -5.38 -5.99 7.36
CA GLN A 56 -5.43 -7.33 6.78
C GLN A 56 -6.78 -7.98 7.06
N GLU A 57 -7.58 -8.13 6.00
CA GLU A 57 -8.98 -8.52 6.16
C GLU A 57 -9.32 -9.71 5.25
N LYS A 58 -10.18 -10.58 5.74
CA LYS A 58 -10.67 -11.71 4.95
C LYS A 58 -12.06 -11.45 4.39
N GLN A 59 -12.15 -11.40 3.07
CA GLN A 59 -13.42 -11.07 2.41
C GLN A 59 -13.64 -11.95 1.18
N ASP A 60 -14.80 -12.58 1.11
CA ASP A 60 -15.14 -13.47 0.00
C ASP A 60 -14.16 -14.64 -0.08
N GLY A 61 -13.61 -15.02 1.07
CA GLY A 61 -12.77 -16.21 1.15
C GLY A 61 -11.32 -15.89 0.80
N MET A 62 -11.06 -14.60 0.56
CA MET A 62 -9.73 -14.16 0.14
C MET A 62 -9.13 -13.19 1.15
N ASP A 63 -7.80 -13.16 1.22
CA ASP A 63 -7.09 -12.29 2.14
C ASP A 63 -6.58 -11.03 1.43
N VAL A 64 -7.20 -9.90 1.74
CA VAL A 64 -6.93 -8.67 1.03
C VAL A 64 -6.24 -7.65 1.93
N LEU A 65 -5.05 -7.21 1.52
CA LEU A 65 -4.34 -6.15 2.22
C LEU A 65 -4.75 -4.77 1.70
N GLU A 66 -4.95 -3.84 2.63
CA GLU A 66 -5.28 -2.46 2.26
C GLU A 66 -4.35 -1.47 2.95
N LEU A 67 -3.61 -0.71 2.14
CA LEU A 67 -2.65 0.25 2.66
C LEU A 67 -3.05 1.68 2.33
N ASN A 68 -3.27 2.49 3.36
CA ASN A 68 -3.79 3.83 3.18
C ASN A 68 -2.81 4.88 3.72
N ILE A 69 -2.79 6.05 3.09
CA ILE A 69 -2.07 7.19 3.62
C ILE A 69 -2.68 8.51 3.13
N THR A 70 -2.84 9.45 4.05
CA THR A 70 -3.44 10.74 3.72
C THR A 70 -2.40 11.83 3.61
N LEU A 71 -2.44 12.59 2.51
CA LEU A 71 -1.51 13.68 2.29
C LEU A 71 -2.22 15.01 2.16
N ASP B 28 3.57 12.97 -11.93
CA ASP B 28 5.01 13.19 -11.90
C ASP B 28 5.63 12.62 -10.64
N TYR B 29 5.15 13.09 -9.48
CA TYR B 29 5.76 12.74 -8.21
C TYR B 29 5.08 11.51 -7.60
N LEU B 30 3.86 11.70 -7.13
CA LEU B 30 3.14 10.64 -6.42
C LEU B 30 2.86 9.45 -7.34
N PRO B 31 2.44 9.75 -8.56
CA PRO B 31 2.18 8.72 -9.56
C PRO B 31 3.36 7.76 -9.68
N THR B 32 4.57 8.32 -9.66
CA THR B 32 5.79 7.52 -9.69
C THR B 32 5.94 6.69 -8.42
N LEU B 33 5.71 7.33 -7.28
CA LEU B 33 5.79 6.64 -5.99
C LEU B 33 4.75 5.53 -5.88
N ARG B 34 3.61 5.72 -6.56
CA ARG B 34 2.56 4.72 -6.59
C ARG B 34 3.03 3.48 -7.36
N LYS B 35 3.70 3.70 -8.49
CA LYS B 35 4.30 2.61 -9.25
C LYS B 35 5.39 1.92 -8.44
N GLU B 36 6.17 2.71 -7.70
CA GLU B 36 7.19 2.16 -6.82
C GLU B 36 6.59 1.23 -5.78
N LEU B 37 5.44 1.62 -5.24
CA LEU B 37 4.73 0.81 -4.27
C LEU B 37 4.28 -0.51 -4.88
N MET B 38 3.83 -0.46 -6.13
CA MET B 38 3.44 -1.65 -6.86
C MET B 38 4.60 -2.64 -6.97
N GLU B 39 5.76 -2.14 -7.37
CA GLU B 39 6.96 -2.95 -7.47
C GLU B 39 7.30 -3.61 -6.14
N VAL B 40 7.36 -2.81 -5.08
CA VAL B 40 7.74 -3.30 -3.76
C VAL B 40 6.79 -4.39 -3.29
N LEU B 41 5.50 -4.19 -3.52
CA LEU B 41 4.48 -5.13 -3.07
C LEU B 41 4.54 -6.43 -3.88
N SER B 42 4.75 -6.29 -5.19
CA SER B 42 4.82 -7.45 -6.06
C SER B 42 6.00 -8.34 -5.70
N LYS B 43 7.03 -7.74 -5.12
CA LYS B 43 8.23 -8.48 -4.71
C LYS B 43 8.02 -9.17 -3.38
N TYR B 44 7.17 -8.59 -2.53
CA TYR B 44 6.88 -9.15 -1.23
C TYR B 44 6.13 -10.47 -1.35
N VAL B 45 5.17 -10.53 -2.25
CA VAL B 45 4.40 -11.74 -2.49
C VAL B 45 4.73 -12.36 -3.84
N ASN B 46 5.74 -11.81 -4.50
CA ASN B 46 6.31 -12.43 -5.69
C ASN B 46 5.25 -12.63 -6.77
N VAL B 47 4.40 -11.63 -6.95
CA VAL B 47 3.45 -11.62 -8.06
C VAL B 47 3.85 -10.61 -9.13
N SER B 48 2.96 -10.39 -10.08
CA SER B 48 3.20 -9.42 -11.15
C SER B 48 2.55 -8.08 -10.83
N LEU B 49 2.93 -7.06 -11.59
CA LEU B 49 2.41 -5.72 -11.37
C LEU B 49 0.90 -5.66 -11.63
N ASP B 50 0.40 -6.60 -12.42
CA ASP B 50 -1.01 -6.63 -12.78
C ASP B 50 -1.85 -7.21 -11.65
N ASN B 51 -1.18 -7.68 -10.60
CA ASN B 51 -1.87 -8.23 -9.43
C ASN B 51 -2.04 -7.17 -8.34
N ILE B 52 -1.59 -5.96 -8.64
CA ILE B 52 -1.68 -4.85 -7.69
C ILE B 52 -2.58 -3.74 -8.21
N ARG B 53 -3.40 -3.18 -7.32
CA ARG B 53 -4.22 -2.02 -7.66
C ARG B 53 -4.00 -0.88 -6.67
N ILE B 54 -3.67 0.30 -7.19
CA ILE B 54 -3.45 1.47 -6.35
C ILE B 54 -4.16 2.68 -6.92
N SER B 55 -4.85 3.42 -6.05
CA SER B 55 -5.69 4.53 -6.47
C SER B 55 -5.30 5.83 -5.78
N GLN B 56 -5.32 6.93 -6.53
CA GLN B 56 -5.05 8.24 -5.97
C GLN B 56 -6.29 9.12 -6.05
N GLU B 57 -6.89 9.40 -4.88
CA GLU B 57 -8.20 10.02 -4.83
C GLU B 57 -8.20 11.24 -3.90
N LYS B 58 -8.96 12.26 -4.26
CA LYS B 58 -9.12 13.44 -3.42
C LYS B 58 -10.43 13.41 -2.65
N GLN B 59 -10.33 13.36 -1.33
CA GLN B 59 -11.51 13.25 -0.48
C GLN B 59 -11.39 14.14 0.75
N ASP B 60 -12.41 14.95 1.00
CA ASP B 60 -12.41 15.88 2.13
C ASP B 60 -11.24 16.86 2.05
N GLY B 61 -10.82 17.16 0.82
CA GLY B 61 -9.81 18.18 0.59
C GLY B 61 -8.40 17.61 0.73
N MET B 62 -8.33 16.29 0.93
CA MET B 62 -7.05 15.63 1.16
C MET B 62 -6.78 14.58 0.08
N ASP B 63 -5.51 14.32 -0.19
CA ASP B 63 -5.11 13.35 -1.19
C ASP B 63 -4.72 12.02 -0.56
N VAL B 64 -5.57 11.02 -0.76
CA VAL B 64 -5.40 9.74 -0.07
C VAL B 64 -5.04 8.63 -1.06
N LEU B 65 -3.90 7.99 -0.83
CA LEU B 65 -3.50 6.83 -1.62
C LEU B 65 -4.06 5.54 -1.02
N GLU B 66 -4.56 4.67 -1.89
CA GLU B 66 -5.06 3.37 -1.46
C GLU B 66 -4.43 2.24 -2.27
N LEU B 67 -3.72 1.35 -1.57
CA LEU B 67 -3.03 0.25 -2.22
C LEU B 67 -3.62 -1.10 -1.81
N ASN B 68 -4.12 -1.84 -2.79
CA ASN B 68 -4.83 -3.08 -2.51
C ASN B 68 -4.14 -4.27 -3.18
N ILE B 69 -4.23 -5.44 -2.55
CA ILE B 69 -3.81 -6.68 -3.17
C ILE B 69 -4.55 -7.88 -2.58
N THR B 70 -5.01 -8.77 -3.44
CA THR B 70 -5.77 -9.93 -3.01
C THR B 70 -4.93 -11.19 -3.05
N LEU B 71 -4.93 -11.94 -1.94
CA LEU B 71 -4.17 -13.18 -1.85
C LEU B 71 -5.08 -14.37 -1.59
N ASP A 28 2.83 -14.56 10.82
CA ASP A 28 4.02 -13.83 11.22
C ASP A 28 4.80 -13.36 10.01
N TYR A 29 4.41 -13.83 8.84
CA TYR A 29 5.11 -13.50 7.60
C TYR A 29 4.64 -12.16 7.04
N LEU A 30 3.35 -12.09 6.70
CA LEU A 30 2.79 -10.89 6.08
C LEU A 30 2.76 -9.72 7.07
N PRO A 31 2.36 -10.00 8.30
CA PRO A 31 2.33 -8.99 9.34
C PRO A 31 3.65 -8.24 9.42
N THR A 32 4.76 -8.97 9.25
CA THR A 32 6.08 -8.37 9.22
C THR A 32 6.27 -7.51 7.97
N LEU A 33 5.84 -8.04 6.83
CA LEU A 33 5.95 -7.32 5.57
C LEU A 33 5.11 -6.06 5.57
N ARG A 34 4.03 -6.08 6.34
CA ARG A 34 3.18 -4.90 6.50
C ARG A 34 3.96 -3.74 7.09
N LYS A 35 4.73 -4.01 8.14
CA LYS A 35 5.59 -3.01 8.75
C LYS A 35 6.68 -2.57 7.78
N GLU A 36 7.22 -3.53 7.03
CA GLU A 36 8.22 -3.23 6.00
C GLU A 36 7.65 -2.27 4.95
N LEU A 37 6.41 -2.52 4.54
CA LEU A 37 5.74 -1.66 3.58
C LEU A 37 5.50 -0.27 4.14
N MET A 38 5.14 -0.21 5.42
CA MET A 38 4.97 1.07 6.10
C MET A 38 6.24 1.89 6.06
N GLU A 39 7.38 1.25 6.32
CA GLU A 39 8.68 1.90 6.20
C GLU A 39 8.89 2.44 4.79
N VAL A 40 8.59 1.62 3.80
CA VAL A 40 8.78 2.01 2.40
C VAL A 40 7.93 3.22 2.05
N LEU A 41 6.71 3.25 2.57
CA LEU A 41 5.81 4.37 2.34
C LEU A 41 6.32 5.63 3.01
N SER A 42 6.81 5.49 4.25
CA SER A 42 7.33 6.61 5.00
C SER A 42 8.47 7.31 4.26
N LYS A 43 9.26 6.52 3.54
CA LYS A 43 10.45 7.03 2.89
C LYS A 43 10.14 7.53 1.48
N TYR A 44 9.18 6.89 0.83
CA TYR A 44 8.82 7.25 -0.55
C TYR A 44 7.98 8.52 -0.59
N VAL A 45 6.73 8.41 -0.15
CA VAL A 45 5.73 9.43 -0.43
C VAL A 45 5.70 10.50 0.65
N ASN A 46 6.65 10.42 1.57
CA ASN A 46 6.85 11.47 2.56
C ASN A 46 5.72 11.49 3.58
N VAL A 47 5.81 10.59 4.57
CA VAL A 47 4.72 10.38 5.52
C VAL A 47 5.22 9.68 6.77
N SER A 48 4.56 9.97 7.90
CA SER A 48 4.96 9.40 9.18
C SER A 48 4.17 8.13 9.48
N LEU A 49 4.66 7.37 10.46
CA LEU A 49 4.04 6.08 10.79
C LEU A 49 2.60 6.25 11.23
N ASP A 50 2.34 7.30 11.99
CA ASP A 50 1.00 7.55 12.52
C ASP A 50 0.01 7.84 11.41
N ASN A 51 0.53 8.21 10.24
CA ASN A 51 -0.31 8.62 9.12
C ASN A 51 -0.46 7.50 8.10
N ILE A 52 -0.08 6.29 8.50
CA ILE A 52 -0.26 5.12 7.66
C ILE A 52 -1.15 4.08 8.34
N ARG A 53 -2.12 3.55 7.60
CA ARG A 53 -2.94 2.46 8.08
C ARG A 53 -2.84 1.24 7.15
N ILE A 54 -2.46 0.11 7.72
CA ILE A 54 -2.35 -1.13 6.95
C ILE A 54 -3.15 -2.25 7.59
N SER A 55 -4.01 -2.89 6.81
CA SER A 55 -4.87 -3.95 7.32
C SER A 55 -5.30 -4.89 6.20
N GLN A 56 -5.44 -6.17 6.54
CA GLN A 56 -5.82 -7.18 5.56
C GLN A 56 -7.19 -7.77 5.87
N GLU A 57 -8.00 -7.97 4.84
CA GLU A 57 -9.38 -8.39 5.02
C GLU A 57 -9.78 -9.44 4.00
N LYS A 58 -10.56 -10.43 4.44
CA LYS A 58 -10.95 -11.55 3.59
C LYS A 58 -11.98 -11.12 2.55
N GLN A 59 -11.67 -11.35 1.29
CA GLN A 59 -12.63 -11.12 0.21
C GLN A 59 -12.80 -12.35 -0.67
N ASP A 60 -13.98 -12.94 -0.64
CA ASP A 60 -14.22 -14.23 -1.26
C ASP A 60 -13.37 -15.31 -0.63
N GLY A 61 -12.72 -16.12 -1.47
CA GLY A 61 -11.85 -17.19 -0.98
C GLY A 61 -10.40 -16.73 -0.88
N MET A 62 -10.19 -15.43 -1.05
CA MET A 62 -8.85 -14.85 -0.94
C MET A 62 -8.82 -13.72 0.07
N ASP A 63 -7.62 -13.26 0.41
CA ASP A 63 -7.45 -12.12 1.29
C ASP A 63 -6.88 -10.92 0.54
N VAL A 64 -7.33 -9.72 0.91
CA VAL A 64 -6.87 -8.51 0.27
C VAL A 64 -6.20 -7.58 1.27
N LEU A 65 -4.95 -7.22 1.00
CA LEU A 65 -4.21 -6.29 1.84
C LEU A 65 -4.45 -4.85 1.41
N GLU A 66 -4.76 -3.99 2.38
CA GLU A 66 -5.12 -2.60 2.09
C GLU A 66 -4.21 -1.64 2.84
N LEU A 67 -3.64 -0.70 2.11
CA LEU A 67 -2.79 0.33 2.71
C LEU A 67 -3.36 1.73 2.46
N ASN A 68 -3.45 2.53 3.51
CA ASN A 68 -4.00 3.87 3.42
C ASN A 68 -3.01 4.91 3.93
N ILE A 69 -2.61 5.82 3.06
CA ILE A 69 -1.60 6.82 3.39
C ILE A 69 -2.16 8.24 3.27
N THR A 70 -2.16 8.96 4.38
CA THR A 70 -2.65 10.33 4.41
C THR A 70 -1.55 11.32 4.04
N LEU A 71 -1.75 12.04 2.95
CA LEU A 71 -0.76 13.01 2.47
C LEU A 71 -1.37 14.39 2.36
N ASP B 28 3.61 14.00 -11.32
CA ASP B 28 4.59 13.08 -11.89
C ASP B 28 5.45 12.46 -10.80
N TYR B 29 5.33 12.98 -9.59
CA TYR B 29 6.14 12.51 -8.47
C TYR B 29 5.54 11.28 -7.82
N LEU B 30 4.32 11.42 -7.30
CA LEU B 30 3.67 10.33 -6.58
C LEU B 30 3.28 9.19 -7.54
N PRO B 31 2.75 9.56 -8.70
CA PRO B 31 2.40 8.57 -9.71
C PRO B 31 3.54 7.61 -9.97
N THR B 32 4.76 8.14 -9.99
CA THR B 32 5.96 7.32 -10.15
C THR B 32 6.19 6.42 -8.93
N LEU B 33 6.02 7.00 -7.75
CA LEU B 33 6.21 6.26 -6.51
C LEU B 33 5.17 5.16 -6.36
N ARG B 34 4.00 5.38 -6.96
CA ARG B 34 2.94 4.37 -6.98
C ARG B 34 3.41 3.09 -7.66
N LYS B 35 4.05 3.24 -8.82
CA LYS B 35 4.62 2.12 -9.54
C LYS B 35 5.76 1.49 -8.74
N GLU B 36 6.57 2.32 -8.09
CA GLU B 36 7.64 1.84 -7.22
C GLU B 36 7.08 0.98 -6.09
N LEU B 37 5.97 1.43 -5.50
CA LEU B 37 5.33 0.70 -4.43
C LEU B 37 4.77 -0.63 -4.94
N MET B 38 4.22 -0.61 -6.14
CA MET B 38 3.72 -1.83 -6.78
C MET B 38 4.82 -2.86 -6.92
N GLU B 39 6.00 -2.42 -7.36
CA GLU B 39 7.17 -3.29 -7.43
C GLU B 39 7.50 -3.88 -6.06
N VAL B 40 7.50 -3.02 -5.04
CA VAL B 40 7.83 -3.46 -3.69
C VAL B 40 6.85 -4.51 -3.20
N LEU B 41 5.57 -4.32 -3.52
CA LEU B 41 4.54 -5.28 -3.14
C LEU B 41 4.72 -6.60 -3.87
N SER B 42 5.03 -6.52 -5.16
CA SER B 42 5.23 -7.71 -5.97
C SER B 42 6.33 -8.60 -5.40
N LYS B 43 7.35 -7.97 -4.82
CA LYS B 43 8.52 -8.68 -4.35
C LYS B 43 8.34 -9.15 -2.91
N TYR B 44 7.61 -8.36 -2.12
CA TYR B 44 7.42 -8.66 -0.71
C TYR B 44 6.39 -9.77 -0.52
N VAL B 45 5.12 -9.44 -0.76
CA VAL B 45 4.01 -10.28 -0.32
C VAL B 45 3.64 -11.31 -1.37
N ASN B 46 4.44 -11.39 -2.43
CA ASN B 46 4.30 -12.45 -3.42
C ASN B 46 3.04 -12.26 -4.26
N VAL B 47 3.13 -11.37 -5.26
CA VAL B 47 1.96 -10.97 -6.03
C VAL B 47 2.37 -10.35 -7.36
N SER B 48 1.52 -10.50 -8.37
CA SER B 48 1.80 -9.99 -9.70
C SER B 48 1.21 -8.60 -9.89
N LEU B 49 1.66 -7.92 -10.94
CA LEU B 49 1.24 -6.54 -11.20
C LEU B 49 -0.26 -6.46 -11.41
N ASP B 50 -0.81 -7.44 -12.11
CA ASP B 50 -2.23 -7.44 -12.43
C ASP B 50 -3.08 -7.57 -11.17
N ASN B 51 -2.46 -8.05 -10.09
CA ASN B 51 -3.18 -8.31 -8.85
C ASN B 51 -2.97 -7.20 -7.84
N ILE B 52 -2.46 -6.07 -8.31
CA ILE B 52 -2.30 -4.89 -7.47
C ILE B 52 -3.10 -3.71 -8.02
N ARG B 53 -3.84 -3.03 -7.14
CA ARG B 53 -4.52 -1.80 -7.51
C ARG B 53 -4.07 -0.64 -6.62
N ILE B 54 -3.59 0.42 -7.25
CA ILE B 54 -3.15 1.61 -6.53
C ILE B 54 -3.84 2.86 -7.05
N SER B 55 -4.45 3.63 -6.16
CA SER B 55 -5.18 4.83 -6.54
C SER B 55 -5.26 5.81 -5.39
N GLN B 56 -5.23 7.10 -5.71
CA GLN B 56 -5.28 8.15 -4.70
C GLN B 56 -6.55 8.97 -4.81
N GLU B 57 -7.15 9.29 -3.67
CA GLU B 57 -8.45 9.95 -3.64
C GLU B 57 -8.50 11.04 -2.59
N LYS B 58 -9.16 12.15 -2.92
CA LYS B 58 -9.21 13.31 -2.03
C LYS B 58 -10.13 13.05 -0.85
N GLN B 59 -9.60 13.21 0.35
CA GLN B 59 -10.41 13.13 1.57
C GLN B 59 -10.22 14.36 2.45
N ASP B 60 -11.28 15.15 2.59
CA ASP B 60 -11.19 16.45 3.23
C ASP B 60 -10.27 17.38 2.45
N GLY B 61 -9.37 18.05 3.17
CA GLY B 61 -8.41 18.96 2.54
C GLY B 61 -7.10 18.26 2.23
N MET B 62 -7.09 16.94 2.39
CA MET B 62 -5.91 16.14 2.08
C MET B 62 -6.23 15.03 1.10
N ASP B 63 -5.19 14.38 0.58
CA ASP B 63 -5.36 13.24 -0.30
C ASP B 63 -4.90 11.95 0.37
N VAL B 64 -5.60 10.85 0.09
CA VAL B 64 -5.26 9.57 0.67
C VAL B 64 -4.92 8.55 -0.42
N LEU B 65 -3.73 7.98 -0.33
CA LEU B 65 -3.29 6.94 -1.26
C LEU B 65 -3.71 5.56 -0.78
N GLU B 66 -4.31 4.79 -1.68
CA GLU B 66 -4.85 3.48 -1.32
C GLU B 66 -4.25 2.38 -2.19
N LEU B 67 -3.74 1.34 -1.54
CA LEU B 67 -3.19 0.19 -2.25
C LEU B 67 -3.95 -1.09 -1.89
N ASN B 68 -4.33 -1.85 -2.91
CA ASN B 68 -5.08 -3.08 -2.71
C ASN B 68 -4.38 -4.27 -3.36
N ILE B 69 -4.01 -5.24 -2.54
CA ILE B 69 -3.25 -6.39 -3.02
C ILE B 69 -4.02 -7.70 -2.79
N THR B 70 -4.31 -8.39 -3.88
CA THR B 70 -5.03 -9.66 -3.82
C THR B 70 -4.07 -10.83 -3.60
N LEU B 71 -4.23 -11.51 -2.49
CA LEU B 71 -3.36 -12.65 -2.15
C LEU B 71 -4.17 -13.91 -1.93
N ASP A 28 3.30 -14.08 11.48
CA ASP A 28 4.71 -13.76 11.69
C ASP A 28 5.35 -13.29 10.39
N TYR A 29 4.78 -13.69 9.26
CA TYR A 29 5.34 -13.37 7.95
C TYR A 29 4.85 -12.00 7.48
N LEU A 30 3.54 -11.89 7.28
CA LEU A 30 2.96 -10.70 6.68
C LEU A 30 3.08 -9.50 7.60
N PRO A 31 2.87 -9.71 8.90
CA PRO A 31 2.93 -8.64 9.89
C PRO A 31 4.23 -7.86 9.76
N THR A 32 5.32 -8.56 9.46
CA THR A 32 6.62 -7.93 9.33
C THR A 32 6.74 -7.21 7.99
N LEU A 33 6.13 -7.78 6.95
CA LEU A 33 6.08 -7.13 5.65
C LEU A 33 5.21 -5.88 5.68
N ARG A 34 4.22 -5.88 6.56
CA ARG A 34 3.39 -4.70 6.77
C ARG A 34 4.20 -3.52 7.28
N LYS A 35 5.02 -3.77 8.29
CA LYS A 35 5.93 -2.75 8.81
C LYS A 35 6.92 -2.31 7.74
N GLU A 36 7.43 -3.28 6.98
CA GLU A 36 8.37 -2.99 5.91
C GLU A 36 7.77 -2.04 4.89
N LEU A 37 6.52 -2.28 4.53
CA LEU A 37 5.81 -1.42 3.58
C LEU A 37 5.64 -0.02 4.13
N MET A 38 5.33 0.08 5.42
CA MET A 38 5.20 1.36 6.09
C MET A 38 6.51 2.16 6.03
N GLU A 39 7.62 1.46 6.24
CA GLU A 39 8.94 2.07 6.12
C GLU A 39 9.18 2.58 4.71
N VAL A 40 8.81 1.78 3.72
CA VAL A 40 8.96 2.16 2.32
C VAL A 40 8.17 3.42 2.02
N LEU A 41 6.97 3.52 2.58
CA LEU A 41 6.11 4.68 2.37
C LEU A 41 6.70 5.93 3.01
N SER A 42 7.29 5.76 4.19
CA SER A 42 7.91 6.86 4.90
C SER A 42 9.14 7.37 4.18
N LYS A 43 9.70 6.54 3.30
CA LYS A 43 10.84 6.93 2.48
C LYS A 43 10.38 7.56 1.18
N TYR A 44 9.28 7.04 0.62
CA TYR A 44 8.80 7.49 -0.68
C TYR A 44 8.15 8.87 -0.58
N VAL A 45 7.05 8.94 0.17
CA VAL A 45 6.24 10.15 0.22
C VAL A 45 6.45 10.90 1.53
N ASN A 46 7.38 10.41 2.34
CA ASN A 46 7.77 11.09 3.57
C ASN A 46 6.60 11.19 4.53
N VAL A 47 5.69 10.22 4.47
CA VAL A 47 4.57 10.16 5.39
C VAL A 47 4.98 9.60 6.74
N SER A 48 4.22 9.95 7.77
CA SER A 48 4.49 9.45 9.13
C SER A 48 3.77 8.13 9.38
N LEU A 49 4.38 7.29 10.21
CA LEU A 49 3.85 5.96 10.46
C LEU A 49 2.44 6.02 11.04
N ASP A 50 2.19 7.01 11.89
CA ASP A 50 0.88 7.18 12.50
C ASP A 50 -0.16 7.58 11.46
N ASN A 51 0.30 8.01 10.30
CA ASN A 51 -0.59 8.43 9.22
C ASN A 51 -0.78 7.32 8.19
N ILE A 52 -0.35 6.12 8.55
CA ILE A 52 -0.56 4.95 7.70
C ILE A 52 -1.50 3.95 8.36
N ARG A 53 -2.50 3.50 7.60
CA ARG A 53 -3.42 2.47 8.08
C ARG A 53 -3.25 1.17 7.30
N ILE A 54 -2.94 0.10 8.02
CA ILE A 54 -2.78 -1.21 7.40
C ILE A 54 -3.89 -2.17 7.84
N SER A 55 -4.54 -2.80 6.86
CA SER A 55 -5.62 -3.73 7.14
C SER A 55 -5.63 -4.89 6.15
N GLN A 56 -6.12 -6.04 6.59
CA GLN A 56 -6.31 -7.18 5.72
C GLN A 56 -7.70 -7.77 5.86
N GLU A 57 -8.34 -8.06 4.74
CA GLU A 57 -9.72 -8.54 4.75
C GLU A 57 -9.89 -9.75 3.83
N LYS A 58 -10.70 -10.70 4.27
CA LYS A 58 -11.03 -11.87 3.45
C LYS A 58 -12.37 -11.69 2.74
N GLN A 59 -12.32 -11.59 1.42
CA GLN A 59 -13.50 -11.26 0.63
C GLN A 59 -13.53 -12.07 -0.66
N ASP A 60 -14.64 -12.76 -0.91
CA ASP A 60 -14.81 -13.54 -2.12
C ASP A 60 -13.75 -14.65 -2.21
N GLY A 61 -13.28 -15.09 -1.06
CA GLY A 61 -12.37 -16.23 -1.00
C GLY A 61 -10.91 -15.78 -0.96
N MET A 62 -10.68 -14.52 -1.33
CA MET A 62 -9.33 -14.00 -1.47
C MET A 62 -8.95 -13.12 -0.28
N ASP A 63 -7.66 -13.06 0.01
CA ASP A 63 -7.15 -12.21 1.08
C ASP A 63 -6.54 -10.93 0.51
N VAL A 64 -7.11 -9.79 0.91
CA VAL A 64 -6.72 -8.50 0.34
C VAL A 64 -6.04 -7.63 1.37
N LEU A 65 -4.79 -7.25 1.10
CA LEU A 65 -4.08 -6.26 1.90
C LEU A 65 -4.50 -4.85 1.52
N GLU A 66 -4.58 -3.97 2.51
CA GLU A 66 -5.00 -2.59 2.28
C GLU A 66 -4.07 -1.60 2.96
N LEU A 67 -3.55 -0.66 2.18
CA LEU A 67 -2.73 0.42 2.72
C LEU A 67 -3.36 1.78 2.45
N ASN A 68 -3.50 2.59 3.49
CA ASN A 68 -4.01 3.95 3.35
C ASN A 68 -3.00 4.97 3.85
N ILE A 69 -2.62 5.90 2.98
CA ILE A 69 -1.58 6.87 3.30
C ILE A 69 -2.11 8.29 3.23
N THR A 70 -2.22 8.94 4.39
CA THR A 70 -2.75 10.29 4.47
C THR A 70 -1.65 11.32 4.24
N LEU A 71 -1.80 12.09 3.17
CA LEU A 71 -0.82 13.12 2.83
C LEU A 71 -1.44 14.51 2.88
N ASP B 28 3.89 13.45 -12.04
CA ASP B 28 5.17 12.90 -12.45
C ASP B 28 5.91 12.30 -11.26
N TYR B 29 5.60 12.79 -10.07
CA TYR B 29 6.29 12.35 -8.85
C TYR B 29 5.65 11.09 -8.29
N LEU B 30 4.39 11.20 -7.89
CA LEU B 30 3.70 10.12 -7.20
C LEU B 30 3.48 8.92 -8.11
N PRO B 31 3.11 9.19 -9.36
CA PRO B 31 2.83 8.14 -10.33
C PRO B 31 3.98 7.14 -10.39
N THR B 32 5.21 7.64 -10.28
CA THR B 32 6.39 6.79 -10.33
C THR B 32 6.59 6.05 -9.02
N LEU B 33 6.25 6.70 -7.91
CA LEU B 33 6.28 6.05 -6.60
C LEU B 33 5.22 4.97 -6.49
N ARG B 34 4.12 5.15 -7.21
CA ARG B 34 3.07 4.14 -7.27
C ARG B 34 3.59 2.84 -7.88
N LYS B 35 4.27 2.96 -9.01
CA LYS B 35 4.90 1.81 -9.65
C LYS B 35 5.95 1.19 -8.73
N GLU B 36 6.73 2.05 -8.08
CA GLU B 36 7.76 1.58 -7.16
C GLU B 36 7.17 0.73 -6.04
N LEU B 37 6.04 1.18 -5.50
CA LEU B 37 5.36 0.45 -4.44
C LEU B 37 4.86 -0.90 -4.94
N MET B 38 4.35 -0.92 -6.17
CA MET B 38 3.90 -2.16 -6.79
C MET B 38 5.04 -3.16 -6.92
N GLU B 39 6.21 -2.67 -7.31
CA GLU B 39 7.41 -3.50 -7.38
C GLU B 39 7.77 -4.06 -6.02
N VAL B 40 7.70 -3.22 -4.99
CA VAL B 40 7.99 -3.64 -3.63
C VAL B 40 7.05 -4.75 -3.19
N LEU B 41 5.78 -4.64 -3.57
CA LEU B 41 4.78 -5.63 -3.21
C LEU B 41 5.04 -6.95 -3.92
N SER B 42 5.46 -6.87 -5.18
CA SER B 42 5.76 -8.05 -5.96
C SER B 42 6.99 -8.78 -5.43
N LYS B 43 7.81 -8.07 -4.65
CA LYS B 43 8.97 -8.66 -4.01
C LYS B 43 8.62 -9.22 -2.64
N TYR B 44 7.73 -8.53 -1.93
CA TYR B 44 7.37 -8.91 -0.57
C TYR B 44 6.49 -10.15 -0.55
N VAL B 45 5.29 -10.01 -1.12
CA VAL B 45 4.29 -11.07 -1.03
C VAL B 45 4.16 -11.83 -2.35
N ASN B 46 5.04 -11.49 -3.30
CA ASN B 46 5.11 -12.21 -4.56
C ASN B 46 3.80 -12.10 -5.34
N VAL B 47 3.09 -10.98 -5.15
CA VAL B 47 1.87 -10.72 -5.88
C VAL B 47 2.16 -10.22 -7.29
N SER B 48 1.21 -10.42 -8.19
CA SER B 48 1.35 -9.96 -9.58
C SER B 48 0.84 -8.53 -9.74
N LEU B 49 1.45 -7.80 -10.66
CA LEU B 49 1.12 -6.39 -10.85
C LEU B 49 -0.35 -6.21 -11.20
N ASP B 50 -0.89 -7.12 -11.99
CA ASP B 50 -2.29 -7.06 -12.39
C ASP B 50 -3.21 -7.28 -11.20
N ASN B 51 -2.66 -7.80 -10.12
CA ASN B 51 -3.44 -8.08 -8.91
C ASN B 51 -3.27 -6.97 -7.88
N ILE B 52 -2.70 -5.85 -8.31
CA ILE B 52 -2.57 -4.68 -7.46
C ILE B 52 -3.42 -3.52 -7.98
N ARG B 53 -4.19 -2.91 -7.08
CA ARG B 53 -4.98 -1.74 -7.43
C ARG B 53 -4.48 -0.50 -6.70
N ILE B 54 -4.10 0.52 -7.47
CA ILE B 54 -3.63 1.77 -6.91
C ILE B 54 -4.61 2.91 -7.18
N SER B 55 -4.98 3.63 -6.13
CA SER B 55 -5.92 4.74 -6.24
C SER B 55 -5.57 5.87 -5.29
N GLN B 56 -5.92 7.09 -5.66
CA GLN B 56 -5.77 8.24 -4.78
C GLN B 56 -7.05 9.06 -4.72
N GLU B 57 -7.45 9.44 -3.52
CA GLU B 57 -8.71 10.15 -3.32
C GLU B 57 -8.52 11.36 -2.41
N LYS B 58 -9.22 12.45 -2.73
CA LYS B 58 -9.21 13.64 -1.88
C LYS B 58 -10.44 13.68 -0.98
N GLN B 59 -10.21 13.55 0.33
CA GLN B 59 -11.29 13.43 1.28
C GLN B 59 -10.98 14.21 2.56
N ASP B 60 -11.91 15.08 2.96
CA ASP B 60 -11.75 15.87 4.18
C ASP B 60 -10.52 16.77 4.09
N GLY B 61 -10.16 17.14 2.87
CA GLY B 61 -9.08 18.11 2.66
C GLY B 61 -7.76 17.41 2.40
N MET B 62 -7.69 16.13 2.75
CA MET B 62 -6.44 15.38 2.69
C MET B 62 -6.40 14.46 1.47
N ASP B 63 -5.21 14.18 0.99
CA ASP B 63 -5.02 13.27 -0.13
C ASP B 63 -4.56 11.90 0.35
N VAL B 64 -5.37 10.88 0.06
CA VAL B 64 -5.12 9.54 0.58
C VAL B 64 -4.77 8.57 -0.54
N LEU B 65 -3.57 7.99 -0.45
CA LEU B 65 -3.18 6.90 -1.34
C LEU B 65 -3.78 5.57 -0.88
N GLU B 66 -4.16 4.73 -1.83
CA GLU B 66 -4.77 3.44 -1.52
C GLU B 66 -4.13 2.32 -2.33
N LEU B 67 -3.68 1.29 -1.62
CA LEU B 67 -3.15 0.09 -2.27
C LEU B 67 -3.95 -1.14 -1.88
N ASN B 68 -4.38 -1.90 -2.88
CA ASN B 68 -5.09 -3.15 -2.64
C ASN B 68 -4.37 -4.33 -3.28
N ILE B 69 -4.02 -5.32 -2.47
CA ILE B 69 -3.22 -6.45 -2.93
C ILE B 69 -3.98 -7.76 -2.76
N THR B 70 -4.37 -8.36 -3.89
CA THR B 70 -5.13 -9.60 -3.86
C THR B 70 -4.21 -10.81 -3.79
N LEU B 71 -4.32 -11.56 -2.69
CA LEU B 71 -3.49 -12.74 -2.50
C LEU B 71 -4.34 -14.00 -2.44
#